data_1AVC
#
_entry.id   1AVC
#
_cell.length_a   67.404
_cell.length_b   67.404
_cell.length_c   200.078
_cell.angle_alpha   90.00
_cell.angle_beta   90.00
_cell.angle_gamma   90.00
#
_symmetry.space_group_name_H-M   'P 43'
#
loop_
_entity.id
_entity.type
_entity.pdbx_description
1 polymer 'ANNEXIN VI'
2 non-polymer 'CALCIUM ION'
3 water water
#
_entity_poly.entity_id   1
_entity_poly.type   'polypeptide(L)'
_entity_poly.pdbx_seq_one_letter_code
;MAKIAQGAKYRGSIRDFPDFNPSQDAETLYNAMKGFGSDKEAIINLITSRSNKQRQEICQNYKSLYGKDLIADLKYELTG
KFERLIVGLMRPPAYADAKEIKDAISGIGTDEKCLIEILASRTNEQIHQLVAAYKDAYERDLEADITGDTSGHFRKMLVV
LLQGTREEDDVVSEDLVQQDVQDLYEAGELKWGTDEAQFIYILGNRSKQHLRLVFDEYLKTTGKPIEASIRGELSGDFEK
LMLAVVKCIRSTAEYFAERLFKAMKGLGTRDNTLIRIMVSRSELDMLDIREIFRTKYEKSLYSMIKNDTSGEYKKTLLKL
CGGDDDAAGQFFPEAAQVAYQMWELSAVARVELKGTVRPAGDFNPDADAKALRKAMKGLGTDEDTIIDIITHRSNAQRQQ
IRQTFKSHFGRDLMADLKSELSGDLARLILGLMMPPAHYDAKQLKKAMEGAGTDEKALIEILATRTNAEIQAINKAYKED
YHKTLEDALSSDTSGHFKRILISLATGNREEGGEDRERAREDAQVAAEILEIADTTSGDKSSLETRFMMILCTRSYPDLR
RVFQEFVKMTNYDVEHTIKKEMSGDVRDVFVAIVQSVKNKPLFFADKLYKSMKGAGTEEKTLTRIMVSRSEIDLLNIRRE
FIEKYDKSLHQAIEGDTSGHFLKALLAICGGED
;
_entity_poly.pdbx_strand_id   A
#
loop_
_chem_comp.id
_chem_comp.type
_chem_comp.name
_chem_comp.formula
CA non-polymer 'CALCIUM ION' 'Ca 2'
#
# COMPACT_ATOMS: atom_id res chain seq x y z
N TYR A 10 6.67 -7.41 25.94
CA TYR A 10 6.91 -8.44 24.90
C TYR A 10 6.02 -8.21 23.68
N ARG A 11 6.64 -7.86 22.55
CA ARG A 11 5.89 -7.61 21.33
C ARG A 11 5.83 -8.82 20.40
N GLY A 12 6.24 -9.97 20.92
CA GLY A 12 6.20 -11.19 20.13
C GLY A 12 4.82 -11.82 20.22
N SER A 13 4.49 -12.69 19.25
CA SER A 13 3.20 -13.36 19.24
C SER A 13 3.26 -14.65 20.05
N ILE A 14 4.38 -15.36 19.93
CA ILE A 14 4.59 -16.60 20.67
C ILE A 14 5.58 -16.38 21.81
N ARG A 15 5.18 -16.79 23.01
CA ARG A 15 6.05 -16.63 24.17
C ARG A 15 6.32 -17.98 24.84
N ASP A 16 7.31 -18.02 25.73
CA ASP A 16 7.67 -19.24 26.44
C ASP A 16 6.45 -19.92 27.05
N PHE A 17 6.31 -21.21 26.80
CA PHE A 17 5.21 -21.98 27.33
C PHE A 17 5.41 -22.17 28.84
N PRO A 18 4.48 -21.66 29.66
CA PRO A 18 4.59 -21.78 31.11
C PRO A 18 4.63 -23.23 31.59
N ASP A 19 5.68 -23.58 32.33
CA ASP A 19 5.84 -24.93 32.83
C ASP A 19 5.76 -25.92 31.68
N PHE A 20 6.88 -26.12 31.00
CA PHE A 20 6.90 -27.04 29.87
C PHE A 20 7.81 -28.25 30.10
N ASN A 21 7.33 -29.40 29.67
CA ASN A 21 8.08 -30.65 29.81
C ASN A 21 8.72 -31.02 28.48
N PRO A 22 9.96 -30.58 28.26
CA PRO A 22 10.68 -30.87 27.01
C PRO A 22 10.72 -32.35 26.66
N SER A 23 11.07 -33.18 27.63
CA SER A 23 11.16 -34.62 27.42
C SER A 23 9.83 -35.21 26.97
N GLN A 24 8.74 -34.77 27.60
CA GLN A 24 7.41 -35.27 27.24
C GLN A 24 7.01 -34.78 25.85
N ASP A 25 7.31 -33.51 25.58
CA ASP A 25 6.98 -32.91 24.29
C ASP A 25 7.63 -33.70 23.16
N ALA A 26 8.88 -34.11 23.38
CA ALA A 26 9.62 -34.87 22.39
C ALA A 26 8.93 -36.22 22.20
N GLU A 27 8.39 -36.75 23.31
CA GLU A 27 7.70 -38.03 23.29
C GLU A 27 6.40 -37.87 22.50
N THR A 28 5.71 -36.76 22.73
CA THR A 28 4.45 -36.49 22.05
C THR A 28 4.68 -36.29 20.56
N LEU A 29 5.82 -35.72 20.20
CA LEU A 29 6.16 -35.51 18.81
C LEU A 29 6.45 -36.85 18.16
N TYR A 30 7.06 -37.75 18.93
CA TYR A 30 7.40 -39.09 18.44
C TYR A 30 6.12 -39.89 18.16
N ASN A 31 5.20 -39.86 19.12
CA ASN A 31 3.93 -40.58 18.99
C ASN A 31 3.05 -39.97 17.91
N ALA A 32 3.21 -38.67 17.66
CA ALA A 32 2.42 -37.98 16.66
C ALA A 32 2.75 -38.51 15.27
N MET A 33 4.01 -38.83 15.04
CA MET A 33 4.46 -39.35 13.75
C MET A 33 4.34 -40.86 13.66
N LYS A 34 3.85 -41.48 14.74
CA LYS A 34 3.69 -42.93 14.78
C LYS A 34 2.64 -43.40 13.77
N GLY A 35 2.88 -44.55 13.16
CA GLY A 35 1.94 -45.09 12.20
C GLY A 35 2.05 -44.42 10.84
N PHE A 36 1.18 -44.82 9.92
CA PHE A 36 1.18 -44.26 8.57
C PHE A 36 0.79 -42.78 8.61
N GLY A 37 1.74 -41.92 8.28
CA GLY A 37 1.48 -40.50 8.30
C GLY A 37 1.84 -39.91 9.66
N SER A 38 1.03 -38.97 10.13
CA SER A 38 1.27 -38.34 11.42
C SER A 38 0.09 -37.47 11.85
N ASP A 39 0.04 -37.16 13.15
CA ASP A 39 -1.01 -36.34 13.71
C ASP A 39 -0.59 -34.87 13.57
N LYS A 40 -0.70 -34.35 12.36
CA LYS A 40 -0.32 -32.96 12.08
C LYS A 40 -0.98 -31.96 13.02
N GLU A 41 -2.24 -32.20 13.37
CA GLU A 41 -2.95 -31.30 14.26
C GLU A 41 -2.21 -31.18 15.59
N ALA A 42 -1.58 -32.27 16.01
CA ALA A 42 -0.83 -32.29 17.26
C ALA A 42 0.55 -31.68 17.11
N ILE A 43 1.21 -31.99 16.00
CA ILE A 43 2.55 -31.46 15.74
C ILE A 43 2.57 -29.94 15.69
N ILE A 44 1.61 -29.37 14.96
CA ILE A 44 1.52 -27.92 14.82
C ILE A 44 1.11 -27.24 16.13
N ASN A 45 0.16 -27.85 16.84
CA ASN A 45 -0.31 -27.29 18.10
C ASN A 45 0.83 -27.25 19.12
N LEU A 46 1.70 -28.25 19.05
CA LEU A 46 2.82 -28.32 19.98
C LEU A 46 3.89 -27.30 19.63
N ILE A 47 4.62 -27.54 18.54
CA ILE A 47 5.67 -26.65 18.08
C ILE A 47 5.25 -25.19 18.09
N THR A 48 4.02 -24.92 17.67
CA THR A 48 3.51 -23.56 17.61
C THR A 48 3.13 -23.00 18.99
N SER A 49 3.16 -23.86 20.00
CA SER A 49 2.82 -23.44 21.36
C SER A 49 4.06 -23.40 22.26
N ARG A 50 5.23 -23.32 21.64
CA ARG A 50 6.49 -23.27 22.39
C ARG A 50 7.47 -22.31 21.73
N SER A 51 8.27 -21.64 22.56
CA SER A 51 9.25 -20.70 22.07
C SER A 51 10.32 -21.44 21.29
N ASN A 52 11.05 -20.72 20.44
CA ASN A 52 12.10 -21.34 19.65
C ASN A 52 13.16 -21.92 20.57
N LYS A 53 13.29 -21.34 21.76
CA LYS A 53 14.26 -21.81 22.73
C LYS A 53 13.78 -23.15 23.30
N GLN A 54 12.50 -23.23 23.59
CA GLN A 54 11.91 -24.45 24.13
C GLN A 54 11.93 -25.53 23.06
N ARG A 55 11.73 -25.11 21.81
CA ARG A 55 11.74 -26.04 20.68
C ARG A 55 13.12 -26.67 20.55
N GLN A 56 14.14 -25.87 20.87
CA GLN A 56 15.52 -26.35 20.80
C GLN A 56 15.76 -27.42 21.86
N GLU A 57 15.21 -27.19 23.05
CA GLU A 57 15.34 -28.13 24.15
C GLU A 57 14.62 -29.43 23.76
N ILE A 58 13.40 -29.27 23.26
CA ILE A 58 12.59 -30.41 22.84
C ILE A 58 13.38 -31.22 21.81
N CYS A 59 13.84 -30.55 20.76
CA CYS A 59 14.61 -31.18 19.71
C CYS A 59 15.84 -31.87 20.29
N GLN A 60 16.30 -31.37 21.43
CA GLN A 60 17.47 -31.93 22.10
C GLN A 60 17.12 -33.21 22.85
N ASN A 61 16.04 -33.18 23.62
CA ASN A 61 15.59 -34.34 24.38
C ASN A 61 15.26 -35.49 23.43
N TYR A 62 14.75 -35.13 22.26
CA TYR A 62 14.37 -36.10 21.24
C TYR A 62 15.61 -36.81 20.68
N LYS A 63 16.69 -36.07 20.50
CA LYS A 63 17.92 -36.63 19.98
C LYS A 63 18.52 -37.67 20.91
N SER A 64 18.30 -37.49 22.22
CA SER A 64 18.81 -38.42 23.21
C SER A 64 17.81 -39.53 23.49
N LEU A 65 16.57 -39.14 23.77
CA LEU A 65 15.50 -40.09 24.07
C LEU A 65 15.25 -41.11 22.96
N TYR A 66 15.74 -40.85 21.76
CA TYR A 66 15.52 -41.77 20.64
C TYR A 66 16.72 -41.95 19.72
N GLY A 67 17.71 -41.07 19.83
CA GLY A 67 18.87 -41.17 18.96
C GLY A 67 18.53 -40.81 17.54
N LYS A 68 17.46 -40.03 17.37
CA LYS A 68 17.02 -39.60 16.04
C LYS A 68 17.02 -38.08 15.94
N ASP A 69 17.02 -37.58 14.71
CA ASP A 69 17.02 -36.14 14.45
C ASP A 69 15.58 -35.66 14.22
N LEU A 70 15.07 -34.87 15.15
CA LEU A 70 13.70 -34.35 15.06
C LEU A 70 13.41 -33.62 13.76
N ILE A 71 14.36 -32.81 13.31
CA ILE A 71 14.18 -32.05 12.07
C ILE A 71 14.20 -33.01 10.87
N ALA A 72 15.14 -33.95 10.90
CA ALA A 72 15.27 -34.92 9.82
C ALA A 72 14.01 -35.78 9.77
N ASP A 73 13.54 -36.18 10.94
CA ASP A 73 12.34 -37.00 11.05
C ASP A 73 11.12 -36.24 10.55
N LEU A 74 11.04 -34.97 10.93
CA LEU A 74 9.93 -34.12 10.52
C LEU A 74 9.91 -33.95 9.01
N LYS A 75 11.09 -33.76 8.43
CA LYS A 75 11.23 -33.58 6.99
C LYS A 75 10.67 -34.79 6.24
N TYR A 76 10.74 -35.96 6.86
CA TYR A 76 10.25 -37.19 6.24
C TYR A 76 8.74 -37.34 6.37
N GLU A 77 8.23 -37.23 7.58
CA GLU A 77 6.80 -37.38 7.84
C GLU A 77 5.93 -36.26 7.28
N LEU A 78 6.54 -35.15 6.89
CA LEU A 78 5.80 -34.02 6.35
C LEU A 78 6.25 -33.66 4.94
N THR A 79 5.45 -32.85 4.25
CA THR A 79 5.77 -32.43 2.89
C THR A 79 4.97 -31.19 2.48
N GLY A 80 5.52 -30.40 1.56
CA GLY A 80 4.84 -29.21 1.09
C GLY A 80 5.22 -27.97 1.87
N LYS A 81 4.51 -26.87 1.64
CA LYS A 81 4.78 -25.62 2.34
C LYS A 81 4.67 -25.84 3.84
N PHE A 82 3.74 -26.69 4.24
CA PHE A 82 3.52 -27.00 5.65
C PHE A 82 4.79 -27.53 6.30
N GLU A 83 5.61 -28.23 5.53
CA GLU A 83 6.86 -28.79 6.03
C GLU A 83 7.89 -27.68 6.22
N ARG A 84 8.03 -26.82 5.20
CA ARG A 84 8.97 -25.72 5.26
C ARG A 84 8.72 -24.88 6.52
N LEU A 85 7.45 -24.63 6.79
CA LEU A 85 7.05 -23.84 7.96
C LEU A 85 7.47 -24.53 9.26
N ILE A 86 6.98 -25.75 9.46
CA ILE A 86 7.29 -26.50 10.67
C ILE A 86 8.78 -26.71 10.88
N VAL A 87 9.48 -27.17 9.85
CA VAL A 87 10.91 -27.40 9.95
C VAL A 87 11.63 -26.07 10.17
N GLY A 88 11.13 -25.02 9.52
CA GLY A 88 11.72 -23.71 9.67
C GLY A 88 11.56 -23.17 11.08
N LEU A 89 10.52 -23.64 11.78
CA LEU A 89 10.24 -23.21 13.14
C LEU A 89 11.12 -23.93 14.15
N MET A 90 11.77 -25.00 13.71
CA MET A 90 12.64 -25.79 14.58
C MET A 90 14.07 -25.28 14.55
N ARG A 91 14.49 -24.77 13.40
CA ARG A 91 15.84 -24.26 13.22
C ARG A 91 16.09 -23.02 14.09
N PRO A 92 17.30 -22.94 14.69
CA PRO A 92 17.61 -21.78 15.53
C PRO A 92 17.58 -20.50 14.69
N PRO A 93 17.08 -19.40 15.26
CA PRO A 93 16.99 -18.11 14.56
C PRO A 93 18.11 -17.83 13.54
N ALA A 94 19.35 -17.93 13.98
CA ALA A 94 20.50 -17.67 13.12
C ALA A 94 20.63 -18.69 11.99
N TYR A 95 20.41 -19.96 12.30
CA TYR A 95 20.52 -21.01 11.29
C TYR A 95 19.36 -21.00 10.32
N ALA A 96 18.26 -20.37 10.73
CA ALA A 96 17.08 -20.28 9.88
C ALA A 96 17.36 -19.24 8.80
N ASP A 97 17.92 -18.11 9.21
CA ASP A 97 18.26 -17.03 8.29
C ASP A 97 19.24 -17.53 7.25
N ALA A 98 20.28 -18.22 7.71
CA ALA A 98 21.31 -18.76 6.82
C ALA A 98 20.70 -19.65 5.74
N LYS A 99 19.68 -20.41 6.12
CA LYS A 99 19.02 -21.30 5.17
C LYS A 99 18.34 -20.45 4.09
N GLU A 100 17.57 -19.46 4.52
CA GLU A 100 16.87 -18.57 3.60
C GLU A 100 17.84 -17.93 2.62
N ILE A 101 18.98 -17.46 3.14
CA ILE A 101 20.00 -16.84 2.30
C ILE A 101 20.55 -17.86 1.32
N LYS A 102 20.77 -19.08 1.81
CA LYS A 102 21.29 -20.15 0.97
C LYS A 102 20.39 -20.37 -0.24
N ASP A 103 19.11 -20.62 0.02
CA ASP A 103 18.14 -20.84 -1.05
C ASP A 103 18.12 -19.68 -2.03
N ALA A 104 18.18 -18.47 -1.51
CA ALA A 104 18.16 -17.26 -2.33
C ALA A 104 19.28 -17.20 -3.35
N ILE A 105 20.52 -17.42 -2.91
CA ILE A 105 21.66 -17.36 -3.79
C ILE A 105 22.10 -18.72 -4.36
N SER A 106 21.37 -19.77 -4.00
CA SER A 106 21.69 -21.12 -4.48
C SER A 106 20.53 -21.72 -5.26
N GLY A 107 20.75 -21.92 -6.56
CA GLY A 107 19.72 -22.50 -7.41
C GLY A 107 19.73 -21.85 -8.78
N ILE A 108 18.54 -21.71 -9.37
CA ILE A 108 18.42 -21.10 -10.68
C ILE A 108 18.55 -19.58 -10.59
N GLY A 109 17.45 -18.91 -10.26
CA GLY A 109 17.47 -17.47 -10.13
C GLY A 109 18.16 -17.00 -8.86
N THR A 110 17.72 -15.87 -8.34
CA THR A 110 18.29 -15.30 -7.12
C THR A 110 17.28 -14.38 -6.47
N ASP A 111 16.77 -14.79 -5.31
CA ASP A 111 15.79 -14.00 -4.58
C ASP A 111 16.41 -12.77 -3.93
N GLU A 112 16.40 -11.65 -4.65
CA GLU A 112 16.95 -10.41 -4.11
C GLU A 112 16.00 -9.87 -3.06
N LYS A 113 14.73 -10.23 -3.20
CA LYS A 113 13.69 -9.79 -2.24
C LYS A 113 14.01 -10.33 -0.84
N CYS A 114 14.52 -11.56 -0.80
CA CYS A 114 14.88 -12.19 0.47
C CYS A 114 16.18 -11.58 0.97
N LEU A 115 17.13 -11.41 0.06
CA LEU A 115 18.43 -10.85 0.40
C LEU A 115 18.25 -9.46 1.01
N ILE A 116 17.34 -8.68 0.42
CA ILE A 116 17.06 -7.34 0.89
C ILE A 116 16.31 -7.34 2.22
N GLU A 117 15.32 -8.21 2.34
CA GLU A 117 14.52 -8.31 3.55
C GLU A 117 15.35 -8.64 4.79
N ILE A 118 16.24 -9.61 4.66
CA ILE A 118 17.07 -10.03 5.77
C ILE A 118 18.21 -9.04 6.05
N LEU A 119 19.08 -8.85 5.07
CA LEU A 119 20.22 -7.96 5.19
C LEU A 119 19.88 -6.54 5.64
N ALA A 120 18.71 -6.04 5.26
CA ALA A 120 18.32 -4.69 5.61
C ALA A 120 17.61 -4.56 6.96
N SER A 121 17.13 -5.67 7.50
CA SER A 121 16.41 -5.65 8.77
C SER A 121 17.22 -6.15 9.96
N ARG A 122 17.94 -7.25 9.78
CA ARG A 122 18.74 -7.83 10.85
C ARG A 122 19.71 -6.82 11.47
N THR A 123 19.90 -6.95 12.78
CA THR A 123 20.79 -6.06 13.53
C THR A 123 22.24 -6.54 13.45
N ASN A 124 23.15 -5.77 14.05
CA ASN A 124 24.56 -6.11 14.05
C ASN A 124 24.80 -7.52 14.60
N GLU A 125 24.14 -7.84 15.71
CA GLU A 125 24.28 -9.15 16.33
C GLU A 125 23.69 -10.23 15.45
N GLN A 126 22.45 -10.02 15.00
CA GLN A 126 21.77 -10.98 14.14
C GLN A 126 22.58 -11.25 12.88
N ILE A 127 23.22 -10.20 12.37
CA ILE A 127 24.04 -10.32 11.17
C ILE A 127 25.27 -11.16 11.44
N HIS A 128 25.91 -10.91 12.58
CA HIS A 128 27.11 -11.66 12.97
C HIS A 128 26.77 -13.13 13.18
N GLN A 129 25.65 -13.37 13.85
CA GLN A 129 25.20 -14.74 14.11
C GLN A 129 24.79 -15.39 12.80
N LEU A 130 24.41 -14.56 11.84
CA LEU A 130 23.98 -15.03 10.53
C LEU A 130 25.15 -15.59 9.71
N VAL A 131 26.17 -14.76 9.50
CA VAL A 131 27.34 -15.17 8.72
C VAL A 131 28.08 -16.32 9.39
N ALA A 132 28.00 -16.40 10.72
CA ALA A 132 28.66 -17.47 11.46
C ALA A 132 27.93 -18.78 11.23
N ALA A 133 26.60 -18.72 11.27
CA ALA A 133 25.76 -19.89 11.06
C ALA A 133 25.90 -20.41 9.64
N TYR A 134 26.19 -19.49 8.71
CA TYR A 134 26.35 -19.86 7.31
C TYR A 134 27.62 -20.69 7.13
N LYS A 135 28.73 -20.18 7.66
CA LYS A 135 30.01 -20.84 7.57
C LYS A 135 30.00 -22.19 8.29
N ASP A 136 29.19 -22.28 9.35
CA ASP A 136 29.10 -23.51 10.12
C ASP A 136 28.22 -24.54 9.43
N ALA A 137 26.99 -24.13 9.10
CA ALA A 137 26.03 -25.01 8.45
C ALA A 137 26.39 -25.41 7.03
N TYR A 138 27.19 -24.60 6.35
CA TYR A 138 27.55 -24.92 4.96
C TYR A 138 29.04 -24.84 4.65
N GLU A 139 29.83 -24.42 5.64
CA GLU A 139 31.28 -24.31 5.44
C GLU A 139 31.57 -23.50 4.18
N ARG A 140 30.88 -22.38 4.05
CA ARG A 140 31.04 -21.48 2.91
C ARG A 140 31.11 -20.05 3.42
N ASP A 141 31.77 -19.18 2.67
CA ASP A 141 31.88 -17.78 3.05
C ASP A 141 30.68 -17.01 2.50
N LEU A 142 29.88 -16.43 3.39
CA LEU A 142 28.70 -15.68 2.98
C LEU A 142 29.03 -14.45 2.15
N GLU A 143 30.04 -13.69 2.57
CA GLU A 143 30.42 -12.49 1.83
C GLU A 143 30.91 -12.84 0.43
N ALA A 144 31.70 -13.90 0.34
CA ALA A 144 32.22 -14.34 -0.95
C ALA A 144 31.08 -14.79 -1.85
N ASP A 145 30.13 -15.53 -1.28
CA ASP A 145 28.99 -16.01 -2.03
C ASP A 145 28.12 -14.85 -2.50
N ILE A 146 27.89 -13.90 -1.59
CA ILE A 146 27.08 -12.73 -1.90
C ILE A 146 27.79 -11.90 -2.97
N THR A 147 29.06 -11.60 -2.73
CA THR A 147 29.87 -10.81 -3.64
C THR A 147 29.91 -11.44 -5.04
N GLY A 148 29.78 -12.77 -5.09
CA GLY A 148 29.82 -13.46 -6.36
C GLY A 148 28.46 -13.79 -6.94
N ASP A 149 27.40 -13.24 -6.34
CA ASP A 149 26.04 -13.50 -6.81
C ASP A 149 25.26 -12.21 -7.01
N THR A 150 25.90 -11.08 -6.70
CA THR A 150 25.28 -9.78 -6.84
C THR A 150 26.28 -8.83 -7.50
N SER A 151 25.79 -7.80 -8.17
CA SER A 151 26.67 -6.85 -8.83
C SER A 151 26.22 -5.40 -8.65
N GLY A 152 27.16 -4.48 -8.82
CA GLY A 152 26.86 -3.07 -8.69
C GLY A 152 26.72 -2.57 -7.27
N HIS A 153 26.20 -1.36 -7.12
CA HIS A 153 26.02 -0.75 -5.81
C HIS A 153 25.18 -1.65 -4.91
N PHE A 154 24.34 -2.47 -5.52
CA PHE A 154 23.50 -3.39 -4.76
C PHE A 154 24.40 -4.34 -3.99
N ARG A 155 25.41 -4.87 -4.68
CA ARG A 155 26.35 -5.79 -4.06
C ARG A 155 27.07 -5.08 -2.92
N LYS A 156 27.51 -3.85 -3.19
CA LYS A 156 28.22 -3.04 -2.20
C LYS A 156 27.40 -2.87 -0.93
N MET A 157 26.23 -2.23 -1.06
CA MET A 157 25.36 -2.00 0.08
C MET A 157 25.14 -3.27 0.88
N LEU A 158 24.98 -4.39 0.18
CA LEU A 158 24.77 -5.67 0.84
C LEU A 158 25.98 -6.05 1.69
N VAL A 159 27.17 -5.91 1.12
CA VAL A 159 28.40 -6.24 1.84
C VAL A 159 28.57 -5.33 3.05
N VAL A 160 28.21 -4.05 2.88
CA VAL A 160 28.32 -3.09 3.98
C VAL A 160 27.41 -3.53 5.12
N LEU A 161 26.22 -3.99 4.77
CA LEU A 161 25.26 -4.46 5.77
C LEU A 161 25.71 -5.77 6.39
N LEU A 162 26.53 -6.51 5.67
CA LEU A 162 27.04 -7.79 6.14
C LEU A 162 28.06 -7.66 7.27
N GLN A 163 28.83 -6.56 7.23
CA GLN A 163 29.84 -6.33 8.26
C GLN A 163 29.19 -6.19 9.63
N GLY A 164 27.94 -5.74 9.65
CA GLY A 164 27.25 -5.56 10.91
C GLY A 164 28.09 -4.74 11.85
N THR A 165 28.60 -3.61 11.36
CA THR A 165 29.43 -2.72 12.15
C THR A 165 28.84 -1.33 12.20
N ARG A 166 27.51 -1.25 12.13
CA ARG A 166 26.81 0.03 12.20
C ARG A 166 26.91 0.62 13.59
N GLU A 167 27.32 1.88 13.68
CA GLU A 167 27.43 2.54 14.97
C GLU A 167 26.11 2.32 15.70
N GLU A 168 26.17 1.74 16.89
CA GLU A 168 24.95 1.48 17.65
C GLU A 168 24.53 2.64 18.54
N ASP A 169 23.23 2.79 18.70
CA ASP A 169 22.60 3.85 19.49
C ASP A 169 23.43 4.45 20.64
N ASP A 170 23.34 5.76 20.77
CA ASP A 170 24.04 6.53 21.79
C ASP A 170 23.44 7.93 21.77
N VAL A 171 24.14 8.90 22.37
CA VAL A 171 23.64 10.27 22.38
C VAL A 171 23.85 10.90 21.01
N VAL A 172 22.78 11.44 20.45
CA VAL A 172 22.81 12.07 19.13
C VAL A 172 23.49 13.43 19.15
N SER A 173 24.30 13.69 18.12
CA SER A 173 25.01 14.96 17.99
C SER A 173 24.28 15.78 16.93
N GLU A 174 23.37 16.64 17.38
CA GLU A 174 22.59 17.49 16.48
C GLU A 174 23.44 18.14 15.40
N ASP A 175 24.72 18.31 15.67
CA ASP A 175 25.63 18.93 14.71
C ASP A 175 25.87 18.00 13.52
N LEU A 176 26.07 16.71 13.81
CA LEU A 176 26.30 15.73 12.76
C LEU A 176 24.99 15.36 12.06
N VAL A 177 23.89 15.40 12.80
CA VAL A 177 22.59 15.09 12.24
C VAL A 177 22.29 16.08 11.12
N GLN A 178 22.43 17.36 11.43
CA GLN A 178 22.16 18.41 10.45
C GLN A 178 23.16 18.33 9.29
N GLN A 179 24.39 17.93 9.60
CA GLN A 179 25.43 17.80 8.58
C GLN A 179 25.06 16.69 7.61
N ASP A 180 24.43 15.65 8.13
CA ASP A 180 24.02 14.51 7.32
C ASP A 180 22.78 14.85 6.49
N VAL A 181 21.92 15.69 7.05
CA VAL A 181 20.70 16.10 6.37
C VAL A 181 21.04 16.84 5.08
N GLN A 182 21.93 17.82 5.18
CA GLN A 182 22.35 18.58 4.01
C GLN A 182 23.17 17.70 3.08
N ASP A 183 24.05 16.90 3.66
CA ASP A 183 24.90 16.00 2.89
C ASP A 183 24.04 15.11 1.99
N LEU A 184 22.98 14.56 2.56
CA LEU A 184 22.06 13.70 1.82
C LEU A 184 21.33 14.52 0.77
N TYR A 185 20.79 15.66 1.20
CA TYR A 185 20.06 16.57 0.32
C TYR A 185 20.83 16.91 -0.94
N GLU A 186 22.08 17.33 -0.77
CA GLU A 186 22.92 17.68 -1.89
C GLU A 186 23.32 16.46 -2.72
N ALA A 187 23.57 15.35 -2.04
CA ALA A 187 23.97 14.11 -2.71
C ALA A 187 22.82 13.48 -3.48
N GLY A 188 21.60 13.92 -3.23
CA GLY A 188 20.46 13.35 -3.92
C GLY A 188 19.50 14.35 -4.56
N GLU A 189 18.53 14.82 -3.78
CA GLU A 189 17.52 15.75 -4.25
C GLU A 189 18.02 16.88 -5.16
N LEU A 190 19.17 17.46 -4.81
CA LEU A 190 19.73 18.56 -5.57
C LEU A 190 20.45 18.16 -6.86
N LYS A 191 20.41 16.88 -7.21
CA LYS A 191 21.10 16.43 -8.41
C LYS A 191 20.30 15.49 -9.30
N TRP A 192 20.74 15.38 -10.55
CA TRP A 192 20.10 14.49 -11.52
C TRP A 192 20.75 13.13 -11.29
N GLY A 193 20.13 12.32 -10.43
CA GLY A 193 20.66 11.02 -10.11
C GLY A 193 20.94 11.00 -8.62
N THR A 194 21.83 10.13 -8.17
CA THR A 194 22.13 10.06 -6.74
C THR A 194 23.55 9.59 -6.46
N ASP A 195 24.14 10.14 -5.41
CA ASP A 195 25.49 9.77 -4.99
C ASP A 195 25.38 8.48 -4.17
N GLU A 196 25.40 7.34 -4.85
CA GLU A 196 25.29 6.05 -4.20
C GLU A 196 26.31 5.84 -3.08
N ALA A 197 27.56 6.18 -3.36
CA ALA A 197 28.62 6.01 -2.36
C ALA A 197 28.30 6.82 -1.12
N GLN A 198 27.61 7.95 -1.30
CA GLN A 198 27.24 8.81 -0.20
C GLN A 198 26.16 8.18 0.68
N PHE A 199 25.04 7.83 0.05
CA PHE A 199 23.91 7.23 0.78
C PHE A 199 24.26 5.91 1.45
N ILE A 200 25.11 5.12 0.78
CA ILE A 200 25.51 3.83 1.35
C ILE A 200 26.29 4.01 2.65
N TYR A 201 27.19 4.98 2.66
CA TYR A 201 28.01 5.24 3.84
C TYR A 201 27.20 5.71 5.05
N ILE A 202 26.36 6.72 4.86
CA ILE A 202 25.55 7.26 5.95
C ILE A 202 24.40 6.33 6.35
N LEU A 203 23.57 5.96 5.39
CA LEU A 203 22.44 5.09 5.66
C LEU A 203 22.89 3.69 6.07
N GLY A 204 24.19 3.46 6.03
CA GLY A 204 24.71 2.15 6.39
C GLY A 204 25.58 2.12 7.62
N ASN A 205 26.08 3.28 8.04
CA ASN A 205 26.95 3.35 9.21
C ASN A 205 26.30 4.02 10.42
N ARG A 206 25.71 5.18 10.21
CA ARG A 206 25.06 5.92 11.30
C ARG A 206 24.08 5.06 12.08
N SER A 207 23.94 5.34 13.37
CA SER A 207 23.04 4.58 14.22
C SER A 207 21.59 4.79 13.82
N LYS A 208 20.73 3.82 14.16
CA LYS A 208 19.32 3.91 13.84
C LYS A 208 18.71 5.13 14.53
N GLN A 209 19.12 5.37 15.76
CA GLN A 209 18.63 6.50 16.54
C GLN A 209 19.01 7.83 15.89
N HIS A 210 20.23 7.90 15.38
CA HIS A 210 20.73 9.10 14.73
C HIS A 210 20.00 9.34 13.41
N LEU A 211 20.03 8.35 12.53
CA LEU A 211 19.38 8.44 11.23
C LEU A 211 17.91 8.81 11.37
N ARG A 212 17.23 8.19 12.34
CA ARG A 212 15.81 8.46 12.57
C ARG A 212 15.59 9.95 12.76
N LEU A 213 16.52 10.60 13.46
CA LEU A 213 16.44 12.03 13.72
C LEU A 213 16.82 12.79 12.44
N VAL A 214 17.66 12.16 11.63
CA VAL A 214 18.09 12.75 10.37
C VAL A 214 16.92 12.76 9.40
N PHE A 215 16.20 11.66 9.36
CA PHE A 215 15.04 11.53 8.49
C PHE A 215 13.98 12.55 8.86
N ASP A 216 13.75 12.70 10.16
CA ASP A 216 12.78 13.66 10.68
C ASP A 216 13.19 15.08 10.31
N GLU A 217 14.48 15.36 10.41
CA GLU A 217 15.01 16.68 10.09
C GLU A 217 14.89 16.96 8.60
N TYR A 218 15.23 15.95 7.80
CA TYR A 218 15.18 16.06 6.34
C TYR A 218 13.80 16.47 5.86
N LEU A 219 12.75 15.85 6.41
CA LEU A 219 11.38 16.16 6.00
C LEU A 219 10.95 17.56 6.45
N LYS A 220 11.34 17.93 7.66
CA LYS A 220 10.99 19.24 8.21
C LYS A 220 11.68 20.39 7.48
N THR A 221 12.90 20.16 7.03
CA THR A 221 13.68 21.19 6.34
C THR A 221 13.70 21.06 4.82
N THR A 222 13.11 20.00 4.28
CA THR A 222 13.09 19.80 2.84
C THR A 222 11.69 19.84 2.26
N GLY A 223 10.73 19.24 2.98
CA GLY A 223 9.36 19.23 2.51
C GLY A 223 8.93 17.84 2.07
N LYS A 224 9.90 16.97 1.83
CA LYS A 224 9.61 15.60 1.41
C LYS A 224 10.46 14.59 2.17
N PRO A 225 9.92 13.38 2.38
CA PRO A 225 10.66 12.33 3.10
C PRO A 225 11.86 11.87 2.28
N ILE A 226 12.88 11.35 2.96
CA ILE A 226 14.09 10.90 2.29
C ILE A 226 13.84 9.91 1.15
N GLU A 227 12.89 9.00 1.32
CA GLU A 227 12.58 8.03 0.28
C GLU A 227 12.01 8.71 -0.96
N ALA A 228 11.41 9.88 -0.77
CA ALA A 228 10.85 10.62 -1.88
C ALA A 228 11.96 11.13 -2.79
N SER A 229 13.14 11.34 -2.21
CA SER A 229 14.29 11.81 -2.96
C SER A 229 15.05 10.64 -3.58
N ILE A 230 14.86 9.46 -3.02
CA ILE A 230 15.52 8.26 -3.51
C ILE A 230 14.74 7.66 -4.68
N ARG A 231 13.43 7.50 -4.49
CA ARG A 231 12.57 6.94 -5.51
C ARG A 231 12.77 7.56 -6.88
N GLY A 232 13.00 6.72 -7.89
CA GLY A 232 13.20 7.21 -9.23
C GLY A 232 14.58 7.80 -9.49
N GLU A 233 15.34 8.01 -8.42
CA GLU A 233 16.68 8.58 -8.55
C GLU A 233 17.76 7.50 -8.48
N LEU A 234 17.32 6.25 -8.41
CA LEU A 234 18.21 5.11 -8.37
C LEU A 234 17.69 4.10 -9.39
N SER A 235 18.30 2.93 -9.48
CA SER A 235 17.85 1.94 -10.45
C SER A 235 17.92 0.49 -9.98
N GLY A 236 16.98 -0.31 -10.49
CA GLY A 236 16.92 -1.73 -10.16
C GLY A 236 16.85 -2.09 -8.69
N ASP A 237 17.40 -3.25 -8.37
CA ASP A 237 17.41 -3.77 -7.01
C ASP A 237 18.02 -2.82 -5.98
N PHE A 238 18.94 -1.97 -6.40
CA PHE A 238 19.56 -1.03 -5.48
C PHE A 238 18.54 -0.06 -4.89
N GLU A 239 17.68 0.48 -5.75
CA GLU A 239 16.65 1.41 -5.30
C GLU A 239 15.80 0.74 -4.23
N LYS A 240 15.33 -0.47 -4.54
CA LYS A 240 14.51 -1.24 -3.62
C LYS A 240 15.26 -1.51 -2.31
N LEU A 241 16.53 -1.88 -2.43
CA LEU A 241 17.35 -2.15 -1.26
C LEU A 241 17.52 -0.92 -0.37
N MET A 242 17.82 0.21 -0.99
CA MET A 242 18.01 1.46 -0.25
C MET A 242 16.71 1.96 0.34
N LEU A 243 15.59 1.62 -0.29
CA LEU A 243 14.28 2.02 0.19
C LEU A 243 13.88 1.14 1.36
N ALA A 244 14.37 -0.10 1.34
CA ALA A 244 14.07 -1.06 2.39
C ALA A 244 14.87 -0.75 3.65
N VAL A 245 16.14 -0.35 3.47
CA VAL A 245 16.99 -0.01 4.59
C VAL A 245 16.39 1.15 5.36
N VAL A 246 15.91 2.15 4.63
CA VAL A 246 15.29 3.32 5.25
C VAL A 246 14.11 2.87 6.08
N LYS A 247 13.16 2.20 5.44
CA LYS A 247 11.97 1.70 6.12
C LYS A 247 12.34 0.97 7.41
N CYS A 248 13.30 0.05 7.30
CA CYS A 248 13.75 -0.72 8.46
C CYS A 248 14.33 0.16 9.55
N ILE A 249 15.09 1.18 9.17
CA ILE A 249 15.68 2.09 10.14
C ILE A 249 14.57 2.80 10.91
N ARG A 250 13.52 3.19 10.18
CA ARG A 250 12.39 3.88 10.78
C ARG A 250 11.57 2.91 11.62
N SER A 251 11.16 1.80 11.02
CA SER A 251 10.36 0.79 11.72
C SER A 251 10.36 -0.52 10.96
N THR A 252 10.98 -1.54 11.56
CA THR A 252 11.04 -2.86 10.94
C THR A 252 9.67 -3.51 10.97
N ALA A 253 8.88 -3.16 11.99
CA ALA A 253 7.54 -3.70 12.13
C ALA A 253 6.69 -3.28 10.93
N GLU A 254 6.83 -2.01 10.54
CA GLU A 254 6.09 -1.48 9.40
C GLU A 254 6.59 -2.11 8.11
N TYR A 255 7.90 -2.33 8.03
CA TYR A 255 8.49 -2.94 6.85
C TYR A 255 7.90 -4.32 6.60
N PHE A 256 7.95 -5.16 7.62
CA PHE A 256 7.41 -6.51 7.50
C PHE A 256 5.89 -6.47 7.37
N ALA A 257 5.28 -5.40 7.85
CA ALA A 257 3.83 -5.24 7.77
C ALA A 257 3.43 -5.18 6.29
N GLU A 258 4.13 -4.36 5.52
CA GLU A 258 3.84 -4.23 4.10
C GLU A 258 4.45 -5.38 3.30
N ARG A 259 5.64 -5.81 3.68
CA ARG A 259 6.31 -6.91 2.99
C ARG A 259 5.37 -8.11 3.01
N LEU A 260 4.64 -8.25 4.12
CA LEU A 260 3.70 -9.35 4.29
C LEU A 260 2.52 -9.16 3.34
N PHE A 261 1.94 -7.97 3.38
CA PHE A 261 0.80 -7.61 2.54
C PHE A 261 1.13 -7.94 1.08
N LYS A 262 2.37 -7.63 0.69
CA LYS A 262 2.84 -7.87 -0.68
C LYS A 262 2.86 -9.34 -1.04
N ALA A 263 3.21 -10.19 -0.07
CA ALA A 263 3.28 -11.64 -0.30
C ALA A 263 1.92 -12.30 -0.44
N MET A 264 0.86 -11.60 -0.05
CA MET A 264 -0.49 -12.13 -0.14
C MET A 264 -1.35 -11.35 -1.13
N LYS A 265 -0.85 -10.21 -1.58
CA LYS A 265 -1.58 -9.35 -2.51
C LYS A 265 -1.89 -10.08 -3.83
N GLY A 266 -3.15 -9.98 -4.26
CA GLY A 266 -3.56 -10.62 -5.50
C GLY A 266 -3.43 -12.13 -5.49
N LEU A 267 -4.29 -12.82 -6.26
CA LEU A 267 -4.25 -14.28 -6.34
C LEU A 267 -2.82 -14.82 -6.34
N GLY A 268 -2.60 -15.94 -5.65
CA GLY A 268 -1.27 -16.51 -5.59
C GLY A 268 -0.50 -15.92 -4.43
N THR A 269 0.16 -16.78 -3.66
CA THR A 269 0.91 -16.32 -2.49
C THR A 269 2.40 -16.58 -2.59
N ARG A 270 3.20 -15.68 -2.03
CA ARG A 270 4.65 -15.83 -2.01
C ARG A 270 4.98 -16.52 -0.69
N ASP A 271 4.40 -17.71 -0.52
CA ASP A 271 4.57 -18.51 0.69
C ASP A 271 5.97 -18.49 1.30
N ASN A 272 7.00 -18.58 0.46
CA ASN A 272 8.38 -18.57 0.96
C ASN A 272 8.70 -17.32 1.78
N THR A 273 8.09 -16.20 1.42
CA THR A 273 8.32 -14.96 2.14
C THR A 273 7.41 -14.92 3.37
N LEU A 274 6.19 -15.43 3.21
CA LEU A 274 5.22 -15.47 4.29
C LEU A 274 5.77 -16.27 5.46
N ILE A 275 6.23 -17.48 5.17
CA ILE A 275 6.80 -18.36 6.19
C ILE A 275 8.02 -17.73 6.85
N ARG A 276 8.92 -17.19 6.03
CA ARG A 276 10.13 -16.56 6.53
C ARG A 276 9.84 -15.42 7.51
N ILE A 277 8.88 -14.57 7.16
CA ILE A 277 8.52 -13.43 7.99
C ILE A 277 7.75 -13.84 9.26
N MET A 278 6.73 -14.67 9.09
CA MET A 278 5.92 -15.11 10.22
C MET A 278 6.76 -15.89 11.24
N VAL A 279 7.80 -16.56 10.76
CA VAL A 279 8.67 -17.35 11.64
C VAL A 279 9.73 -16.49 12.31
N SER A 280 10.38 -15.63 11.55
CA SER A 280 11.44 -14.77 12.07
C SER A 280 11.01 -13.66 13.03
N ARG A 281 9.81 -13.10 12.80
CA ARG A 281 9.33 -12.03 13.66
C ARG A 281 8.27 -12.46 14.66
N SER A 282 8.11 -13.77 14.84
CA SER A 282 7.13 -14.30 15.77
C SER A 282 7.48 -14.08 17.24
N GLU A 283 8.77 -13.84 17.51
CA GLU A 283 9.22 -13.61 18.87
C GLU A 283 9.94 -12.26 18.99
N LEU A 284 9.62 -11.36 18.07
CA LEU A 284 10.24 -10.03 18.07
C LEU A 284 9.23 -8.89 18.12
N ASP A 285 8.51 -8.68 17.03
CA ASP A 285 7.53 -7.60 16.96
C ASP A 285 6.27 -7.98 16.19
N MET A 286 5.94 -9.26 16.20
CA MET A 286 4.75 -9.74 15.49
C MET A 286 3.49 -8.98 15.91
N LEU A 287 3.42 -8.63 17.19
CA LEU A 287 2.28 -7.90 17.73
C LEU A 287 2.18 -6.50 17.12
N ASP A 288 3.30 -5.80 17.06
CA ASP A 288 3.33 -4.45 16.50
C ASP A 288 3.02 -4.51 15.01
N ILE A 289 3.56 -5.51 14.34
CA ILE A 289 3.34 -5.68 12.90
C ILE A 289 1.84 -5.77 12.66
N ARG A 290 1.15 -6.52 13.52
CA ARG A 290 -0.29 -6.69 13.40
C ARG A 290 -1.02 -5.37 13.61
N GLU A 291 -0.64 -4.64 14.66
CA GLU A 291 -1.25 -3.37 14.98
C GLU A 291 -1.08 -2.39 13.81
N ILE A 292 0.07 -2.49 13.13
CA ILE A 292 0.36 -1.63 11.99
C ILE A 292 -0.35 -2.10 10.72
N PHE A 293 -0.38 -3.43 10.53
CA PHE A 293 -1.02 -4.02 9.36
C PHE A 293 -2.50 -3.63 9.32
N ARG A 294 -3.19 -3.80 10.43
CA ARG A 294 -4.61 -3.47 10.53
C ARG A 294 -4.87 -2.00 10.23
N THR A 295 -3.99 -1.14 10.73
CA THR A 295 -4.12 0.29 10.52
C THR A 295 -3.80 0.70 9.09
N LYS A 296 -2.70 0.17 8.57
CA LYS A 296 -2.26 0.48 7.21
C LYS A 296 -3.11 -0.17 6.12
N TYR A 297 -3.75 -1.28 6.43
CA TYR A 297 -4.57 -1.97 5.45
C TYR A 297 -5.98 -2.33 5.93
N GLU A 298 -6.88 -2.50 4.97
CA GLU A 298 -8.26 -2.82 5.23
C GLU A 298 -8.41 -4.07 6.10
N LYS A 299 -7.87 -5.18 5.62
CA LYS A 299 -7.95 -6.45 6.36
C LYS A 299 -6.82 -6.61 7.37
N SER A 300 -7.08 -7.41 8.40
CA SER A 300 -6.09 -7.68 9.43
C SER A 300 -5.17 -8.81 8.96
N LEU A 301 -3.98 -8.87 9.52
CA LEU A 301 -3.03 -9.91 9.15
C LEU A 301 -3.69 -11.28 9.24
N TYR A 302 -4.47 -11.49 10.30
CA TYR A 302 -5.17 -12.74 10.51
C TYR A 302 -6.11 -13.05 9.35
N SER A 303 -6.92 -12.08 8.97
CA SER A 303 -7.87 -12.25 7.88
C SER A 303 -7.20 -12.53 6.55
N MET A 304 -6.18 -11.74 6.21
CA MET A 304 -5.46 -11.92 4.95
C MET A 304 -4.84 -13.31 4.85
N ILE A 305 -4.23 -13.77 5.94
CA ILE A 305 -3.61 -15.08 5.97
C ILE A 305 -4.65 -16.20 5.87
N LYS A 306 -5.73 -16.04 6.62
CA LYS A 306 -6.80 -17.03 6.64
C LYS A 306 -7.42 -17.25 5.25
N ASN A 307 -7.46 -16.20 4.44
CA ASN A 307 -8.06 -16.29 3.11
C ASN A 307 -7.07 -16.71 2.02
N ASP A 308 -5.79 -16.51 2.27
CA ASP A 308 -4.77 -16.86 1.27
C ASP A 308 -4.16 -18.25 1.43
N THR A 309 -4.20 -18.78 2.64
CA THR A 309 -3.64 -20.11 2.89
C THR A 309 -4.72 -21.13 3.28
N SER A 310 -4.35 -22.40 3.32
CA SER A 310 -5.28 -23.46 3.67
C SER A 310 -4.58 -24.67 4.30
N GLY A 311 -5.38 -25.61 4.80
CA GLY A 311 -4.82 -26.80 5.41
C GLY A 311 -4.15 -26.52 6.76
N GLU A 312 -3.18 -27.35 7.12
CA GLU A 312 -2.46 -27.18 8.37
C GLU A 312 -1.53 -25.97 8.22
N TYR A 313 -1.02 -25.80 7.01
CA TYR A 313 -0.12 -24.70 6.69
C TYR A 313 -0.78 -23.38 7.09
N LYS A 314 -2.09 -23.28 6.85
CA LYS A 314 -2.85 -22.09 7.18
C LYS A 314 -3.05 -22.02 8.70
N LYS A 315 -3.44 -23.14 9.29
CA LYS A 315 -3.67 -23.21 10.72
C LYS A 315 -2.41 -22.77 11.48
N THR A 316 -1.26 -23.25 11.02
CA THR A 316 0.01 -22.92 11.65
C THR A 316 0.29 -21.42 11.54
N LEU A 317 0.13 -20.88 10.34
CA LEU A 317 0.37 -19.47 10.11
C LEU A 317 -0.53 -18.62 11.00
N LEU A 318 -1.79 -19.02 11.12
CA LEU A 318 -2.75 -18.31 11.93
C LEU A 318 -2.35 -18.36 13.41
N LYS A 319 -1.66 -19.43 13.78
CA LYS A 319 -1.20 -19.61 15.15
C LYS A 319 0.01 -18.72 15.40
N LEU A 320 0.91 -18.69 14.41
CA LEU A 320 2.12 -17.88 14.51
C LEU A 320 1.74 -16.41 14.61
N CYS A 321 0.72 -16.03 13.84
CA CYS A 321 0.25 -14.65 13.83
C CYS A 321 -0.27 -14.27 15.21
N GLY A 322 -1.22 -15.04 15.73
CA GLY A 322 -1.79 -14.77 17.03
C GLY A 322 -3.30 -14.67 16.98
N GLY A 323 -3.80 -13.62 16.32
CA GLY A 323 -5.23 -13.44 16.21
C GLY A 323 -5.92 -13.28 17.54
N GLN A 330 -5.49 -0.92 22.40
CA GLN A 330 -4.59 0.26 22.37
C GLN A 330 -3.32 -0.04 21.59
N PHE A 331 -2.59 1.02 21.24
CA PHE A 331 -1.34 0.88 20.50
C PHE A 331 -0.17 0.80 21.47
N PHE A 332 1.02 0.54 20.93
CA PHE A 332 2.22 0.46 21.74
C PHE A 332 3.27 1.37 21.11
N PRO A 333 4.25 1.82 21.91
CA PRO A 333 5.34 2.71 21.46
C PRO A 333 5.65 2.68 19.96
N GLU A 334 5.67 1.48 19.38
CA GLU A 334 5.97 1.33 17.95
C GLU A 334 4.75 1.58 17.06
N ALA A 335 3.76 0.72 17.17
CA ALA A 335 2.55 0.83 16.37
C ALA A 335 1.91 2.22 16.46
N ALA A 336 2.08 2.87 17.59
CA ALA A 336 1.53 4.21 17.79
C ALA A 336 2.38 5.24 17.07
N GLN A 337 3.70 5.07 17.15
CA GLN A 337 4.63 5.97 16.50
C GLN A 337 4.32 6.07 15.01
N VAL A 338 4.24 4.91 14.36
CA VAL A 338 3.96 4.85 12.92
C VAL A 338 2.68 5.61 12.57
N ALA A 339 1.59 5.27 13.23
CA ALA A 339 0.31 5.92 12.97
C ALA A 339 0.44 7.44 13.05
N TYR A 340 1.07 7.93 14.11
CA TYR A 340 1.28 9.35 14.30
C TYR A 340 2.14 9.95 13.20
N GLN A 341 3.28 9.32 12.94
CA GLN A 341 4.20 9.78 11.91
C GLN A 341 3.54 9.75 10.54
N MET A 342 2.57 8.87 10.38
CA MET A 342 1.86 8.74 9.10
C MET A 342 1.08 10.01 8.81
N TRP A 343 0.50 10.60 9.84
CA TRP A 343 -0.27 11.83 9.69
C TRP A 343 0.66 13.03 9.59
N GLU A 344 1.77 12.97 10.33
CA GLU A 344 2.75 14.06 10.32
C GLU A 344 3.24 14.23 8.88
N LEU A 345 3.58 13.13 8.24
CA LEU A 345 4.07 13.15 6.87
C LEU A 345 3.04 13.75 5.93
N SER A 346 1.81 13.27 6.02
CA SER A 346 0.72 13.77 5.18
C SER A 346 0.47 15.25 5.40
N ALA A 347 0.77 15.73 6.60
CA ALA A 347 0.55 17.13 6.93
C ALA A 347 1.69 18.05 6.46
N VAL A 348 2.91 17.55 6.53
CA VAL A 348 4.08 18.36 6.14
C VAL A 348 4.56 18.16 4.71
N ALA A 349 4.57 16.92 4.24
CA ALA A 349 5.03 16.61 2.89
C ALA A 349 4.55 17.60 1.84
N ARG A 350 5.49 18.12 1.05
CA ARG A 350 5.19 19.08 -0.01
C ARG A 350 4.97 18.28 -1.29
N VAL A 351 3.75 17.81 -1.49
CA VAL A 351 3.41 17.02 -2.67
C VAL A 351 2.98 17.85 -3.87
N GLU A 352 3.33 17.37 -5.06
CA GLU A 352 3.00 18.05 -6.32
C GLU A 352 2.10 17.15 -7.15
N LEU A 353 0.84 17.55 -7.30
CA LEU A 353 -0.12 16.77 -8.08
C LEU A 353 0.17 16.88 -9.57
N LYS A 354 0.12 15.74 -10.26
CA LYS A 354 0.38 15.70 -11.69
C LYS A 354 -0.55 14.73 -12.41
N GLY A 355 -1.12 15.19 -13.53
CA GLY A 355 -2.00 14.35 -14.31
C GLY A 355 -1.19 13.50 -15.27
N THR A 356 -1.85 12.74 -16.13
CA THR A 356 -1.14 11.90 -17.09
C THR A 356 -1.30 12.43 -18.51
N VAL A 357 -2.45 13.00 -18.81
CA VAL A 357 -2.71 13.55 -20.14
C VAL A 357 -2.51 15.06 -20.11
N ARG A 358 -1.72 15.56 -21.06
CA ARG A 358 -1.43 16.99 -21.14
C ARG A 358 -1.84 17.55 -22.49
N PRO A 359 -2.17 18.86 -22.53
CA PRO A 359 -2.58 19.53 -23.78
C PRO A 359 -1.67 19.18 -24.95
N ALA A 360 -2.29 18.92 -26.11
CA ALA A 360 -1.54 18.57 -27.31
C ALA A 360 -0.92 19.81 -27.95
N GLY A 361 0.32 19.68 -28.38
CA GLY A 361 1.01 20.79 -29.03
C GLY A 361 0.55 20.94 -30.46
N ASP A 362 0.65 22.15 -31.00
CA ASP A 362 0.23 22.40 -32.37
C ASP A 362 -1.22 21.97 -32.52
N PHE A 363 -2.01 22.30 -31.50
CA PHE A 363 -3.43 21.95 -31.46
C PHE A 363 -4.23 22.63 -32.56
N ASN A 364 -4.87 21.83 -33.40
CA ASN A 364 -5.69 22.33 -34.49
C ASN A 364 -7.09 21.73 -34.41
N PRO A 365 -8.02 22.43 -33.73
CA PRO A 365 -9.39 21.93 -33.59
C PRO A 365 -10.03 21.57 -34.93
N ASP A 366 -9.85 22.44 -35.91
CA ASP A 366 -10.41 22.24 -37.24
C ASP A 366 -9.98 20.91 -37.85
N ALA A 367 -8.70 20.57 -37.69
CA ALA A 367 -8.18 19.32 -38.22
C ALA A 367 -8.69 18.14 -37.39
N ASP A 368 -8.91 18.40 -36.11
CA ASP A 368 -9.41 17.37 -35.20
C ASP A 368 -10.85 17.01 -35.52
N ALA A 369 -11.71 18.02 -35.54
CA ALA A 369 -13.13 17.81 -35.84
C ALA A 369 -13.30 17.09 -37.17
N LYS A 370 -12.40 17.38 -38.11
CA LYS A 370 -12.45 16.76 -39.44
C LYS A 370 -12.15 15.27 -39.34
N ALA A 371 -11.06 14.94 -38.66
CA ALA A 371 -10.65 13.54 -38.50
C ALA A 371 -11.73 12.76 -37.75
N LEU A 372 -12.40 13.43 -36.82
CA LEU A 372 -13.46 12.80 -36.05
C LEU A 372 -14.66 12.54 -36.94
N ARG A 373 -15.06 13.55 -37.70
CA ARG A 373 -16.20 13.43 -38.61
C ARG A 373 -15.95 12.33 -39.64
N LYS A 374 -14.71 12.26 -40.14
CA LYS A 374 -14.33 11.27 -41.13
C LYS A 374 -14.38 9.85 -40.56
N ALA A 375 -13.87 9.69 -39.34
CA ALA A 375 -13.83 8.39 -38.69
C ALA A 375 -15.19 7.90 -38.19
N MET A 376 -16.25 8.64 -38.47
CA MET A 376 -17.58 8.26 -38.03
C MET A 376 -18.52 8.01 -39.21
N LYS A 377 -18.12 8.49 -40.39
CA LYS A 377 -18.93 8.33 -41.59
C LYS A 377 -18.87 6.89 -42.08
N GLY A 378 -19.97 6.46 -42.72
CA GLY A 378 -20.04 5.09 -43.22
C GLY A 378 -20.82 4.21 -42.26
N LEU A 379 -20.81 2.90 -42.49
CA LEU A 379 -21.52 1.99 -41.60
C LEU A 379 -20.70 1.81 -40.32
N GLY A 380 -19.48 1.32 -40.48
CA GLY A 380 -18.60 1.11 -39.34
C GLY A 380 -18.03 2.42 -38.85
N THR A 381 -17.48 2.42 -37.65
CA THR A 381 -16.90 3.62 -37.07
C THR A 381 -15.42 3.45 -36.76
N ASP A 382 -14.58 4.26 -37.39
CA ASP A 382 -13.13 4.19 -37.17
C ASP A 382 -12.86 4.66 -35.74
N GLU A 383 -12.79 3.70 -34.82
CA GLU A 383 -12.56 4.00 -33.41
C GLU A 383 -11.11 4.31 -33.05
N ASP A 384 -10.16 3.68 -33.74
CA ASP A 384 -8.75 3.91 -33.46
C ASP A 384 -8.40 5.39 -33.56
N THR A 385 -8.84 6.04 -34.64
CA THR A 385 -8.57 7.46 -34.85
C THR A 385 -9.29 8.28 -33.79
N ILE A 386 -10.51 7.86 -33.45
CA ILE A 386 -11.30 8.56 -32.44
C ILE A 386 -10.57 8.56 -31.10
N ILE A 387 -9.84 7.49 -30.84
CA ILE A 387 -9.09 7.37 -29.59
C ILE A 387 -7.78 8.15 -29.62
N ASP A 388 -7.05 8.03 -30.72
CA ASP A 388 -5.77 8.73 -30.86
C ASP A 388 -5.88 10.23 -30.65
N ILE A 389 -7.06 10.78 -30.90
CA ILE A 389 -7.29 12.21 -30.75
C ILE A 389 -7.83 12.56 -29.37
N ILE A 390 -9.04 12.07 -29.07
CA ILE A 390 -9.69 12.34 -27.79
C ILE A 390 -8.83 12.09 -26.56
N THR A 391 -8.26 10.89 -26.46
CA THR A 391 -7.44 10.53 -25.31
C THR A 391 -6.11 11.27 -25.24
N HIS A 392 -5.80 12.05 -26.27
CA HIS A 392 -4.55 12.80 -26.29
C HIS A 392 -4.77 14.30 -26.37
N ARG A 393 -5.79 14.79 -25.66
CA ARG A 393 -6.12 16.20 -25.64
C ARG A 393 -6.70 16.57 -24.28
N SER A 394 -6.26 17.70 -23.73
CA SER A 394 -6.75 18.16 -22.44
C SER A 394 -8.25 18.38 -22.54
N ASN A 395 -8.96 18.15 -21.43
CA ASN A 395 -10.41 18.34 -21.41
C ASN A 395 -10.80 19.68 -22.02
N ALA A 396 -9.95 20.69 -21.84
CA ALA A 396 -10.21 22.01 -22.38
C ALA A 396 -10.15 21.97 -23.90
N GLN A 397 -9.06 21.42 -24.42
CA GLN A 397 -8.88 21.30 -25.87
C GLN A 397 -10.04 20.52 -26.45
N ARG A 398 -10.55 19.56 -25.68
CA ARG A 398 -11.66 18.73 -26.12
C ARG A 398 -12.89 19.61 -26.28
N GLN A 399 -13.13 20.48 -25.30
CA GLN A 399 -14.26 21.40 -25.35
C GLN A 399 -14.15 22.26 -26.60
N GLN A 400 -12.92 22.46 -27.06
CA GLN A 400 -12.67 23.26 -28.25
C GLN A 400 -13.09 22.48 -29.49
N ILE A 401 -12.72 21.21 -29.54
CA ILE A 401 -13.07 20.36 -30.67
C ILE A 401 -14.59 20.26 -30.78
N ARG A 402 -15.28 20.39 -29.65
CA ARG A 402 -16.73 20.34 -29.63
C ARG A 402 -17.25 21.63 -30.26
N GLN A 403 -16.71 22.75 -29.82
CA GLN A 403 -17.09 24.06 -30.33
C GLN A 403 -16.86 24.09 -31.83
N THR A 404 -15.65 23.77 -32.24
CA THR A 404 -15.28 23.75 -33.66
C THR A 404 -16.20 22.83 -34.45
N PHE A 405 -16.25 21.56 -34.06
CA PHE A 405 -17.08 20.58 -34.73
C PHE A 405 -18.48 21.14 -35.00
N LYS A 406 -19.07 21.73 -33.97
CA LYS A 406 -20.41 22.31 -34.09
C LYS A 406 -20.43 23.48 -35.05
N SER A 407 -19.57 24.46 -34.80
CA SER A 407 -19.49 25.65 -35.66
C SER A 407 -18.89 25.35 -37.02
N HIS A 408 -18.83 24.07 -37.39
CA HIS A 408 -18.28 23.67 -38.67
C HIS A 408 -19.27 22.80 -39.45
N PHE A 409 -19.90 21.85 -38.76
CA PHE A 409 -20.85 20.95 -39.39
C PHE A 409 -22.28 21.18 -38.91
N GLY A 410 -22.45 22.03 -37.91
CA GLY A 410 -23.77 22.29 -37.38
C GLY A 410 -24.34 21.06 -36.70
N ARG A 411 -23.44 20.18 -36.25
CA ARG A 411 -23.83 18.96 -35.58
C ARG A 411 -23.15 18.85 -34.21
N ASP A 412 -23.82 18.21 -33.27
CA ASP A 412 -23.28 18.02 -31.93
C ASP A 412 -22.37 16.80 -31.93
N LEU A 413 -21.10 17.01 -31.62
CA LEU A 413 -20.12 15.93 -31.60
C LEU A 413 -20.52 14.81 -30.63
N MET A 414 -20.98 15.18 -29.44
CA MET A 414 -21.38 14.20 -28.44
C MET A 414 -22.46 13.25 -28.97
N ALA A 415 -23.52 13.82 -29.55
CA ALA A 415 -24.60 13.02 -30.10
C ALA A 415 -24.07 12.06 -31.16
N ASP A 416 -23.11 12.53 -31.95
CA ASP A 416 -22.52 11.71 -32.99
C ASP A 416 -21.65 10.63 -32.37
N LEU A 417 -20.91 11.01 -31.33
CA LEU A 417 -20.03 10.08 -30.63
C LEU A 417 -20.84 9.01 -29.91
N LYS A 418 -21.88 9.46 -29.20
CA LYS A 418 -22.75 8.57 -28.46
C LYS A 418 -23.37 7.51 -29.37
N SER A 419 -23.84 7.95 -30.54
CA SER A 419 -24.48 7.04 -31.49
C SER A 419 -23.52 6.12 -32.23
N GLU A 420 -22.35 6.62 -32.60
CA GLU A 420 -21.39 5.81 -33.33
C GLU A 420 -20.53 4.91 -32.44
N LEU A 421 -20.50 5.22 -31.14
CA LEU A 421 -19.72 4.41 -30.20
C LEU A 421 -20.65 3.61 -29.28
N SER A 422 -20.13 2.54 -28.69
CA SER A 422 -20.92 1.69 -27.81
C SER A 422 -20.07 0.97 -26.77
N GLY A 423 -20.72 0.49 -25.70
CA GLY A 423 -20.02 -0.22 -24.65
C GLY A 423 -19.17 0.64 -23.73
N ASP A 424 -18.25 -0.01 -23.03
CA ASP A 424 -17.36 0.69 -22.10
C ASP A 424 -16.62 1.81 -22.81
N LEU A 425 -16.22 1.54 -24.05
CA LEU A 425 -15.50 2.52 -24.85
C LEU A 425 -16.32 3.80 -25.00
N ALA A 426 -17.58 3.64 -25.39
CA ALA A 426 -18.48 4.78 -25.57
C ALA A 426 -18.58 5.56 -24.27
N ARG A 427 -18.62 4.85 -23.16
CA ARG A 427 -18.71 5.49 -21.85
C ARG A 427 -17.41 6.20 -21.50
N LEU A 428 -16.29 5.60 -21.89
CA LEU A 428 -14.98 6.19 -21.62
C LEU A 428 -14.78 7.44 -22.46
N ILE A 429 -14.89 7.30 -23.78
CA ILE A 429 -14.71 8.41 -24.69
C ILE A 429 -15.67 9.57 -24.40
N LEU A 430 -16.96 9.25 -24.27
CA LEU A 430 -17.95 10.28 -23.98
C LEU A 430 -17.69 10.91 -22.62
N GLY A 431 -17.05 10.14 -21.74
CA GLY A 431 -16.74 10.65 -20.42
C GLY A 431 -15.63 11.67 -20.48
N LEU A 432 -14.65 11.43 -21.35
CA LEU A 432 -13.52 12.33 -21.51
C LEU A 432 -13.94 13.64 -22.17
N MET A 433 -14.97 13.57 -23.01
CA MET A 433 -15.46 14.75 -23.71
C MET A 433 -16.28 15.68 -22.83
N MET A 434 -16.70 15.18 -21.68
CA MET A 434 -17.51 15.98 -20.74
C MET A 434 -16.62 16.81 -19.82
N PRO A 435 -17.02 18.07 -19.58
CA PRO A 435 -16.22 18.93 -18.69
C PRO A 435 -16.29 18.37 -17.27
N PRO A 436 -15.18 18.47 -16.51
CA PRO A 436 -15.09 17.98 -15.13
C PRO A 436 -16.39 18.05 -14.31
N ALA A 437 -16.86 19.26 -14.04
CA ALA A 437 -18.07 19.47 -13.25
C ALA A 437 -19.30 18.74 -13.78
N HIS A 438 -19.38 18.54 -15.09
CA HIS A 438 -20.52 17.87 -15.68
C HIS A 438 -20.40 16.35 -15.63
N TYR A 439 -19.19 15.84 -15.76
CA TYR A 439 -18.96 14.40 -15.71
C TYR A 439 -19.37 13.89 -14.34
N ASP A 440 -18.98 14.62 -13.29
CA ASP A 440 -19.31 14.25 -11.92
C ASP A 440 -20.83 14.27 -11.76
N ALA A 441 -21.45 15.33 -12.25
CA ALA A 441 -22.90 15.48 -12.16
C ALA A 441 -23.60 14.29 -12.82
N LYS A 442 -23.07 13.86 -13.95
CA LYS A 442 -23.63 12.73 -14.68
C LYS A 442 -23.45 11.47 -13.83
N GLN A 443 -22.25 11.32 -13.28
CA GLN A 443 -21.93 10.17 -12.43
C GLN A 443 -22.89 10.06 -11.26
N LEU A 444 -23.01 11.15 -10.51
CA LEU A 444 -23.91 11.20 -9.36
C LEU A 444 -25.34 10.86 -9.74
N LYS A 445 -25.78 11.39 -10.87
CA LYS A 445 -27.13 11.16 -11.35
C LYS A 445 -27.39 9.69 -11.65
N LYS A 446 -26.41 9.04 -12.28
CA LYS A 446 -26.51 7.63 -12.63
C LYS A 446 -26.56 6.76 -11.38
N ALA A 447 -25.74 7.10 -10.40
CA ALA A 447 -25.67 6.35 -9.15
C ALA A 447 -26.99 6.36 -8.41
N MET A 448 -27.79 7.40 -8.62
CA MET A 448 -29.08 7.53 -7.96
C MET A 448 -30.27 7.16 -8.85
N GLU A 449 -30.01 6.82 -10.10
CA GLU A 449 -31.08 6.45 -11.03
C GLU A 449 -31.31 4.95 -11.03
N GLY A 450 -32.57 4.56 -11.18
CA GLY A 450 -32.95 3.15 -11.20
C GLY A 450 -33.19 2.60 -9.81
N ALA A 451 -33.17 1.28 -9.67
CA ALA A 451 -33.39 0.66 -8.35
C ALA A 451 -32.09 0.56 -7.57
N GLY A 452 -32.12 0.98 -6.31
CA GLY A 452 -30.93 0.93 -5.48
C GLY A 452 -30.01 2.12 -5.66
N THR A 453 -28.99 2.22 -4.83
CA THR A 453 -28.05 3.34 -4.92
C THR A 453 -26.62 2.83 -5.06
N ASP A 454 -25.84 3.49 -5.91
CA ASP A 454 -24.44 3.10 -6.11
C ASP A 454 -23.64 3.79 -5.02
N GLU A 455 -23.95 3.46 -3.77
CA GLU A 455 -23.28 4.03 -2.62
C GLU A 455 -21.79 4.28 -2.85
N LYS A 456 -21.14 3.34 -3.52
CA LYS A 456 -19.71 3.46 -3.81
C LYS A 456 -19.37 4.69 -4.65
N ALA A 457 -20.17 4.94 -5.68
CA ALA A 457 -19.95 6.08 -6.56
C ALA A 457 -20.11 7.41 -5.84
N LEU A 458 -21.22 7.57 -5.12
CA LEU A 458 -21.50 8.80 -4.40
C LEU A 458 -20.39 9.14 -3.40
N ILE A 459 -19.98 8.14 -2.61
CA ILE A 459 -18.93 8.35 -1.63
C ILE A 459 -17.65 8.83 -2.32
N GLU A 460 -17.12 7.99 -3.20
CA GLU A 460 -15.90 8.30 -3.93
C GLU A 460 -15.86 9.76 -4.37
N ILE A 461 -16.94 10.22 -4.99
CA ILE A 461 -17.03 11.60 -5.47
C ILE A 461 -17.22 12.63 -4.36
N LEU A 462 -18.33 12.55 -3.66
CA LEU A 462 -18.66 13.49 -2.59
C LEU A 462 -17.65 13.55 -1.44
N ALA A 463 -16.85 12.51 -1.29
CA ALA A 463 -15.86 12.48 -0.22
C ALA A 463 -14.45 12.72 -0.75
N THR A 464 -14.37 13.15 -2.01
CA THR A 464 -13.08 13.40 -2.63
C THR A 464 -13.00 14.82 -3.22
N ARG A 465 -14.12 15.30 -3.75
CA ARG A 465 -14.17 16.61 -4.37
C ARG A 465 -13.99 17.75 -3.37
N THR A 466 -13.54 18.90 -3.89
CA THR A 466 -13.31 20.09 -3.06
C THR A 466 -14.52 21.03 -3.10
N ASN A 467 -14.46 22.08 -2.29
CA ASN A 467 -15.53 23.07 -2.23
C ASN A 467 -15.81 23.64 -3.62
N ALA A 468 -14.75 24.01 -4.32
CA ALA A 468 -14.87 24.58 -5.65
C ALA A 468 -15.45 23.53 -6.61
N GLU A 469 -14.96 22.31 -6.52
CA GLU A 469 -15.42 21.23 -7.38
C GLU A 469 -16.89 20.90 -7.09
N ILE A 470 -17.23 20.85 -5.80
CA ILE A 470 -18.60 20.55 -5.40
C ILE A 470 -19.54 21.66 -5.85
N GLN A 471 -19.07 22.90 -5.79
CA GLN A 471 -19.87 24.04 -6.22
C GLN A 471 -20.15 23.92 -7.71
N ALA A 472 -19.09 23.67 -8.48
CA ALA A 472 -19.21 23.52 -9.92
C ALA A 472 -20.18 22.38 -10.23
N ILE A 473 -20.09 21.31 -9.44
CA ILE A 473 -20.95 20.15 -9.61
C ILE A 473 -22.40 20.51 -9.33
N ASN A 474 -22.64 21.08 -8.15
CA ASN A 474 -23.98 21.49 -7.75
C ASN A 474 -24.66 22.31 -8.84
N LYS A 475 -23.87 23.15 -9.51
CA LYS A 475 -24.40 23.99 -10.59
C LYS A 475 -24.67 23.15 -11.83
N ALA A 476 -23.67 22.42 -12.28
CA ALA A 476 -23.81 21.58 -13.47
C ALA A 476 -24.98 20.63 -13.34
N TYR A 477 -25.33 20.27 -12.10
CA TYR A 477 -26.44 19.37 -11.86
C TYR A 477 -27.77 20.05 -12.13
N LYS A 478 -28.01 21.18 -11.48
CA LYS A 478 -29.24 21.93 -11.65
C LYS A 478 -29.53 22.11 -13.14
N GLU A 479 -28.48 22.38 -13.91
CA GLU A 479 -28.59 22.59 -15.34
C GLU A 479 -29.04 21.32 -16.07
N ASP A 480 -28.11 20.41 -16.28
CA ASP A 480 -28.38 19.14 -16.96
C ASP A 480 -29.66 18.49 -16.45
N TYR A 481 -29.76 18.35 -15.13
CA TYR A 481 -30.92 17.76 -14.50
C TYR A 481 -31.56 18.80 -13.58
N HIS A 482 -32.55 19.48 -14.12
CA HIS A 482 -33.27 20.53 -13.40
C HIS A 482 -33.74 20.04 -12.03
N LYS A 483 -32.84 20.13 -11.06
CA LYS A 483 -33.08 19.72 -9.68
C LYS A 483 -31.78 19.92 -8.93
N THR A 484 -31.88 20.31 -7.66
CA THR A 484 -30.67 20.53 -6.85
C THR A 484 -30.04 19.19 -6.48
N LEU A 485 -28.71 19.19 -6.35
CA LEU A 485 -27.98 17.97 -6.02
C LEU A 485 -28.47 17.40 -4.69
N GLU A 486 -28.93 18.27 -3.80
CA GLU A 486 -29.42 17.85 -2.50
C GLU A 486 -30.75 17.14 -2.67
N ASP A 487 -31.68 17.80 -3.36
CA ASP A 487 -33.01 17.25 -3.60
C ASP A 487 -32.90 15.85 -4.19
N ALA A 488 -31.95 15.66 -5.09
CA ALA A 488 -31.74 14.37 -5.73
C ALA A 488 -31.34 13.36 -4.66
N LEU A 489 -30.38 13.74 -3.83
CA LEU A 489 -29.88 12.89 -2.76
C LEU A 489 -30.99 12.45 -1.81
N SER A 490 -31.86 13.39 -1.43
CA SER A 490 -32.95 13.09 -0.53
C SER A 490 -33.98 12.16 -1.17
N SER A 491 -33.92 12.05 -2.50
CA SER A 491 -34.86 11.20 -3.23
C SER A 491 -34.42 9.76 -3.38
N ASP A 492 -33.11 9.51 -3.38
CA ASP A 492 -32.60 8.16 -3.54
C ASP A 492 -31.99 7.54 -2.28
N THR A 493 -31.67 8.38 -1.30
CA THR A 493 -31.07 7.88 -0.07
C THR A 493 -31.82 8.34 1.17
N SER A 494 -31.40 7.84 2.33
CA SER A 494 -32.03 8.20 3.58
C SER A 494 -31.14 7.79 4.75
N GLY A 495 -31.59 8.06 5.97
CA GLY A 495 -30.81 7.71 7.14
C GLY A 495 -29.58 8.59 7.32
N HIS A 496 -28.60 8.07 8.04
CA HIS A 496 -27.36 8.80 8.29
C HIS A 496 -26.56 8.98 7.01
N PHE A 497 -26.63 7.98 6.13
CA PHE A 497 -25.91 8.02 4.86
C PHE A 497 -26.32 9.23 4.05
N LYS A 498 -27.61 9.57 4.10
CA LYS A 498 -28.13 10.71 3.36
C LYS A 498 -27.72 12.02 4.02
N ARG A 499 -27.80 12.06 5.35
CA ARG A 499 -27.42 13.25 6.09
C ARG A 499 -25.95 13.57 5.85
N ILE A 500 -25.10 12.55 5.93
CA ILE A 500 -23.67 12.71 5.72
C ILE A 500 -23.37 13.17 4.30
N LEU A 501 -23.95 12.47 3.32
CA LEU A 501 -23.74 12.81 1.91
C LEU A 501 -24.18 14.23 1.61
N ILE A 502 -25.41 14.57 2.01
CA ILE A 502 -25.95 15.91 1.77
C ILE A 502 -25.03 16.97 2.34
N SER A 503 -24.39 16.67 3.46
CA SER A 503 -23.48 17.60 4.10
C SER A 503 -22.31 17.90 3.17
N LEU A 504 -21.69 16.84 2.65
CA LEU A 504 -20.57 16.98 1.74
C LEU A 504 -20.98 17.69 0.45
N ALA A 505 -22.20 17.43 -0.01
CA ALA A 505 -22.71 18.02 -1.24
C ALA A 505 -23.01 19.51 -1.11
N THR A 506 -22.54 20.14 -0.03
CA THR A 506 -22.77 21.56 0.18
C THR A 506 -21.51 22.36 -0.17
N GLY A 507 -20.41 21.64 -0.39
CA GLY A 507 -19.16 22.30 -0.72
C GLY A 507 -18.91 23.51 0.15
N ASN A 508 -19.26 23.38 1.42
CA ASN A 508 -19.08 24.48 2.38
C ASN A 508 -18.19 24.07 3.55
N ARG A 509 -16.96 23.66 3.23
CA ARG A 509 -16.01 23.25 4.25
C ARG A 509 -15.00 24.37 4.55
N GLU A 510 -14.54 24.43 5.79
CA GLU A 510 -13.57 25.44 6.18
C GLU A 510 -12.31 25.30 5.33
N GLU A 511 -11.66 26.42 5.05
CA GLU A 511 -10.46 26.41 4.22
C GLU A 511 -9.19 26.78 4.98
N GLY A 512 -9.35 27.63 6.00
CA GLY A 512 -8.20 28.06 6.80
C GLY A 512 -7.26 26.97 7.26
N GLY A 513 -6.13 27.39 7.83
CA GLY A 513 -5.16 26.43 8.32
C GLY A 513 -5.63 25.76 9.61
N GLU A 514 -4.76 24.96 10.21
CA GLU A 514 -5.11 24.26 11.44
C GLU A 514 -5.20 25.17 12.66
N ASP A 515 -5.92 24.71 13.67
CA ASP A 515 -6.09 25.45 14.92
C ASP A 515 -5.90 24.49 16.09
N ARG A 516 -4.65 24.34 16.53
CA ARG A 516 -4.32 23.45 17.64
C ARG A 516 -5.31 23.57 18.80
N GLU A 517 -5.97 24.71 18.90
CA GLU A 517 -6.95 24.94 19.95
C GLU A 517 -8.18 24.07 19.74
N ARG A 518 -8.88 24.31 18.64
CA ARG A 518 -10.08 23.56 18.30
C ARG A 518 -9.74 22.09 18.09
N ALA A 519 -8.56 21.85 17.52
CA ALA A 519 -8.09 20.48 17.24
C ALA A 519 -8.23 19.54 18.43
N ARG A 520 -7.50 19.82 19.50
CA ARG A 520 -7.55 18.99 20.70
C ARG A 520 -8.99 18.79 21.17
N GLU A 521 -9.83 19.80 20.95
CA GLU A 521 -11.23 19.73 21.34
C GLU A 521 -11.94 18.72 20.46
N ASP A 522 -11.81 18.90 19.14
CA ASP A 522 -12.43 18.00 18.18
C ASP A 522 -11.95 16.57 18.44
N ALA A 523 -10.66 16.44 18.71
CA ALA A 523 -10.07 15.13 18.99
C ALA A 523 -10.77 14.47 20.17
N GLN A 524 -11.14 15.27 21.16
CA GLN A 524 -11.82 14.75 22.34
C GLN A 524 -13.17 14.17 21.95
N VAL A 525 -13.83 14.80 20.98
CA VAL A 525 -15.12 14.34 20.50
C VAL A 525 -15.00 12.94 19.93
N ALA A 526 -13.92 12.69 19.20
CA ALA A 526 -13.70 11.39 18.59
C ALA A 526 -13.38 10.36 19.66
N ALA A 527 -12.75 10.81 20.74
CA ALA A 527 -12.39 9.94 21.85
C ALA A 527 -13.63 9.46 22.60
N GLU A 528 -14.61 10.35 22.71
CA GLU A 528 -15.86 10.05 23.41
C GLU A 528 -16.67 8.97 22.70
N ILE A 529 -16.80 9.11 21.39
CA ILE A 529 -17.55 8.17 20.57
C ILE A 529 -17.09 6.73 20.77
N LEU A 530 -15.83 6.57 21.15
CA LEU A 530 -15.22 5.26 21.37
C LEU A 530 -15.50 4.81 22.80
N THR A 545 -23.41 13.31 15.73
CA THR A 545 -23.69 14.51 14.90
C THR A 545 -22.48 15.43 14.85
N ARG A 546 -21.86 15.64 16.02
CA ARG A 546 -20.69 16.49 16.12
C ARG A 546 -19.57 15.92 15.27
N PHE A 547 -19.34 14.62 15.42
CA PHE A 547 -18.30 13.93 14.67
C PHE A 547 -18.47 14.22 13.18
N MET A 548 -19.69 14.07 12.68
CA MET A 548 -19.98 14.33 11.28
C MET A 548 -19.56 15.74 10.94
N MET A 549 -20.00 16.70 11.76
CA MET A 549 -19.68 18.10 11.54
C MET A 549 -18.18 18.30 11.41
N ILE A 550 -17.42 17.65 12.31
CA ILE A 550 -15.97 17.76 12.29
C ILE A 550 -15.36 17.16 11.02
N LEU A 551 -15.83 15.98 10.64
CA LEU A 551 -15.32 15.31 9.45
C LEU A 551 -15.85 15.92 8.15
N CYS A 552 -16.92 16.70 8.25
CA CYS A 552 -17.52 17.32 7.07
C CYS A 552 -17.30 18.84 6.99
N THR A 553 -16.98 19.47 8.11
CA THR A 553 -16.78 20.91 8.13
C THR A 553 -15.34 21.39 8.26
N ARG A 554 -14.53 20.66 9.03
CA ARG A 554 -13.14 21.05 9.24
C ARG A 554 -12.28 20.93 7.98
N SER A 555 -11.34 21.85 7.83
CA SER A 555 -10.43 21.85 6.70
C SER A 555 -9.51 20.64 6.83
N TYR A 556 -9.06 20.11 5.70
CA TYR A 556 -8.18 18.95 5.72
C TYR A 556 -6.94 19.16 6.59
N PRO A 557 -6.30 20.35 6.50
CA PRO A 557 -5.11 20.58 7.32
C PRO A 557 -5.41 20.52 8.82
N ASP A 558 -6.61 20.94 9.21
CA ASP A 558 -7.01 20.90 10.62
C ASP A 558 -7.23 19.46 11.04
N LEU A 559 -8.02 18.74 10.26
CA LEU A 559 -8.32 17.34 10.53
C LEU A 559 -7.03 16.53 10.69
N ARG A 560 -6.05 16.83 9.85
CA ARG A 560 -4.76 16.14 9.90
C ARG A 560 -4.17 16.24 11.29
N ARG A 561 -4.22 17.44 11.87
CA ARG A 561 -3.71 17.68 13.20
C ARG A 561 -4.61 17.02 14.24
N VAL A 562 -5.93 17.14 14.02
CA VAL A 562 -6.90 16.54 14.93
C VAL A 562 -6.60 15.07 15.14
N PHE A 563 -6.24 14.38 14.06
CA PHE A 563 -5.93 12.96 14.12
C PHE A 563 -4.59 12.73 14.80
N GLN A 564 -3.72 13.73 14.77
CA GLN A 564 -2.41 13.63 15.41
C GLN A 564 -2.64 13.63 16.91
N GLU A 565 -3.56 14.50 17.34
CA GLU A 565 -3.90 14.63 18.75
C GLU A 565 -4.70 13.44 19.24
N PHE A 566 -5.43 12.80 18.32
CA PHE A 566 -6.24 11.65 18.69
C PHE A 566 -5.36 10.48 19.13
N VAL A 567 -4.38 10.15 18.29
CA VAL A 567 -3.46 9.06 18.60
C VAL A 567 -2.66 9.38 19.85
N LYS A 568 -2.45 10.67 20.09
CA LYS A 568 -1.69 11.13 21.25
C LYS A 568 -2.46 11.11 22.56
N MET A 569 -3.79 11.05 22.49
CA MET A 569 -4.60 11.04 23.71
C MET A 569 -5.50 9.82 23.90
N THR A 570 -5.53 8.93 22.91
CA THR A 570 -6.34 7.73 23.01
C THR A 570 -5.50 6.51 22.68
N ASN A 571 -4.39 6.73 21.98
CA ASN A 571 -3.47 5.67 21.59
C ASN A 571 -3.97 4.87 20.40
N TYR A 572 -5.12 5.26 19.85
CA TYR A 572 -5.68 4.59 18.70
C TYR A 572 -5.69 5.55 17.51
N ASP A 573 -6.04 5.04 16.34
CA ASP A 573 -6.12 5.84 15.13
C ASP A 573 -7.60 6.07 14.85
N VAL A 574 -7.93 7.21 14.26
CA VAL A 574 -9.33 7.52 13.96
C VAL A 574 -10.03 6.35 13.28
N GLU A 575 -9.33 5.73 12.32
CA GLU A 575 -9.88 4.59 11.60
C GLU A 575 -10.45 3.55 12.54
N HIS A 576 -9.76 3.33 13.66
CA HIS A 576 -10.21 2.35 14.64
C HIS A 576 -11.49 2.79 15.36
N THR A 577 -11.64 4.09 15.54
CA THR A 577 -12.83 4.62 16.20
C THR A 577 -14.03 4.52 15.28
N ILE A 578 -13.80 4.78 14.00
CA ILE A 578 -14.86 4.71 13.00
C ILE A 578 -15.32 3.27 12.81
N LYS A 579 -14.37 2.36 12.70
CA LYS A 579 -14.67 0.94 12.51
C LYS A 579 -15.43 0.35 13.69
N LYS A 580 -15.00 0.67 14.91
CA LYS A 580 -15.58 0.12 16.14
C LYS A 580 -16.97 0.73 16.38
N GLU A 581 -17.22 1.97 16.03
CA GLU A 581 -18.50 2.60 16.29
C GLU A 581 -19.41 2.78 15.08
N MET A 582 -18.88 2.58 13.89
CA MET A 582 -19.67 2.73 12.67
C MET A 582 -19.57 1.49 11.78
N SER A 583 -20.55 1.32 10.90
CA SER A 583 -20.58 0.17 10.00
C SER A 583 -21.21 0.51 8.66
N GLY A 584 -21.00 -0.38 7.68
CA GLY A 584 -21.57 -0.19 6.35
C GLY A 584 -21.24 1.14 5.70
N ASP A 585 -22.19 1.66 4.93
CA ASP A 585 -22.03 2.93 4.24
C ASP A 585 -21.47 4.00 5.15
N VAL A 586 -22.17 4.27 6.25
CA VAL A 586 -21.76 5.28 7.21
C VAL A 586 -20.27 5.17 7.55
N ARG A 587 -19.79 3.94 7.71
CA ARG A 587 -18.39 3.70 8.03
C ARG A 587 -17.49 3.95 6.82
N ASP A 588 -18.02 3.69 5.63
CA ASP A 588 -17.27 3.88 4.40
C ASP A 588 -17.11 5.34 3.98
N VAL A 589 -18.11 6.17 4.28
CA VAL A 589 -18.03 7.59 3.93
C VAL A 589 -16.94 8.26 4.75
N PHE A 590 -16.94 7.96 6.05
CA PHE A 590 -15.96 8.53 6.97
C PHE A 590 -14.56 8.05 6.69
N VAL A 591 -14.42 6.75 6.41
CA VAL A 591 -13.11 6.20 6.11
C VAL A 591 -12.61 6.79 4.80
N ALA A 592 -13.54 7.02 3.88
CA ALA A 592 -13.21 7.60 2.58
C ALA A 592 -12.70 9.03 2.82
N ILE A 593 -13.38 9.74 3.70
CA ILE A 593 -13.01 11.11 4.04
C ILE A 593 -11.63 11.15 4.68
N VAL A 594 -11.43 10.32 5.69
CA VAL A 594 -10.15 10.26 6.41
C VAL A 594 -9.03 9.90 5.45
N GLN A 595 -9.29 8.94 4.56
CA GLN A 595 -8.31 8.51 3.58
C GLN A 595 -8.01 9.63 2.60
N SER A 596 -9.07 10.36 2.23
CA SER A 596 -8.94 11.48 1.29
C SER A 596 -8.08 12.58 1.90
N VAL A 597 -8.12 12.71 3.22
CA VAL A 597 -7.34 13.73 3.92
C VAL A 597 -5.91 13.24 4.11
N LYS A 598 -5.76 11.94 4.31
CA LYS A 598 -4.45 11.34 4.52
C LYS A 598 -3.60 11.29 3.25
N ASN A 599 -4.12 10.62 2.23
CA ASN A 599 -3.42 10.49 0.96
C ASN A 599 -4.43 10.21 -0.17
N LYS A 600 -4.94 11.29 -0.76
CA LYS A 600 -5.92 11.17 -1.83
C LYS A 600 -5.47 10.23 -2.96
N PRO A 601 -4.29 10.50 -3.56
CA PRO A 601 -3.82 9.63 -4.64
C PRO A 601 -3.85 8.15 -4.28
N LEU A 602 -3.43 7.83 -3.07
CA LEU A 602 -3.42 6.45 -2.61
C LEU A 602 -4.83 5.88 -2.61
N PHE A 603 -5.76 6.65 -2.06
CA PHE A 603 -7.17 6.25 -1.99
C PHE A 603 -7.70 5.84 -3.37
N PHE A 604 -7.26 6.54 -4.40
CA PHE A 604 -7.69 6.24 -5.76
C PHE A 604 -6.97 5.01 -6.30
N ALA A 605 -5.69 4.88 -5.95
CA ALA A 605 -4.90 3.75 -6.40
C ALA A 605 -5.50 2.49 -5.78
N ASP A 606 -5.96 2.62 -4.54
CA ASP A 606 -6.57 1.51 -3.82
C ASP A 606 -7.87 1.11 -4.50
N LYS A 607 -8.67 2.11 -4.87
CA LYS A 607 -9.95 1.87 -5.53
C LYS A 607 -9.75 1.32 -6.94
N LEU A 608 -8.70 1.77 -7.61
CA LEU A 608 -8.40 1.31 -8.95
C LEU A 608 -7.99 -0.16 -8.93
N TYR A 609 -7.27 -0.54 -7.89
CA TYR A 609 -6.82 -1.93 -7.73
C TYR A 609 -8.01 -2.86 -7.55
N LYS A 610 -8.94 -2.45 -6.70
CA LYS A 610 -10.14 -3.25 -6.42
C LYS A 610 -10.95 -3.49 -7.69
N SER A 611 -11.14 -2.44 -8.48
CA SER A 611 -11.91 -2.52 -9.71
C SER A 611 -11.37 -3.60 -10.65
N MET A 612 -10.07 -3.84 -10.60
CA MET A 612 -9.44 -4.85 -11.43
C MET A 612 -9.08 -6.10 -10.62
N LYS A 613 -9.47 -6.10 -9.35
CA LYS A 613 -9.21 -7.22 -8.47
C LYS A 613 -10.31 -8.27 -8.61
N GLY A 614 -9.91 -9.53 -8.67
CA GLY A 614 -10.87 -10.62 -8.81
C GLY A 614 -10.98 -11.08 -10.25
N ALA A 615 -11.88 -12.02 -10.50
CA ALA A 615 -12.07 -12.55 -11.85
C ALA A 615 -12.72 -11.52 -12.77
N GLY A 616 -13.68 -10.77 -12.23
CA GLY A 616 -14.36 -9.75 -13.00
C GLY A 616 -13.64 -8.43 -13.00
N THR A 617 -14.28 -7.40 -13.57
CA THR A 617 -13.70 -6.07 -13.63
C THR A 617 -14.81 -5.04 -13.59
N GLU A 618 -14.59 -3.95 -12.86
CA GLU A 618 -15.59 -2.90 -12.79
C GLU A 618 -15.16 -1.75 -13.69
N GLU A 619 -15.39 -1.92 -14.99
CA GLU A 619 -15.03 -0.89 -15.97
C GLU A 619 -15.64 0.45 -15.61
N LYS A 620 -16.74 0.43 -14.86
CA LYS A 620 -17.40 1.67 -14.46
C LYS A 620 -16.47 2.49 -13.57
N THR A 621 -16.15 1.94 -12.40
CA THR A 621 -15.26 2.61 -11.45
C THR A 621 -13.90 2.84 -12.09
N LEU A 622 -13.39 1.85 -12.81
CA LEU A 622 -12.10 1.95 -13.47
C LEU A 622 -12.08 3.13 -14.45
N THR A 623 -13.19 3.33 -15.14
CA THR A 623 -13.31 4.41 -16.11
C THR A 623 -13.48 5.76 -15.42
N ARG A 624 -14.33 5.80 -14.40
CA ARG A 624 -14.59 7.04 -13.67
C ARG A 624 -13.31 7.64 -13.07
N ILE A 625 -12.54 6.81 -12.37
CA ILE A 625 -11.31 7.26 -11.71
C ILE A 625 -10.27 7.68 -12.77
N MET A 626 -10.11 6.88 -13.82
CA MET A 626 -9.14 7.17 -14.87
C MET A 626 -9.41 8.51 -15.54
N VAL A 627 -10.69 8.79 -15.79
CA VAL A 627 -11.08 10.04 -16.43
C VAL A 627 -10.97 11.22 -15.47
N SER A 628 -11.79 11.19 -14.43
CA SER A 628 -11.83 12.25 -13.42
C SER A 628 -10.48 12.74 -12.90
N ARG A 629 -9.53 11.83 -12.75
CA ARG A 629 -8.20 12.21 -12.24
C ARG A 629 -7.12 12.29 -13.30
N SER A 630 -7.48 12.01 -14.54
CA SER A 630 -6.52 12.04 -15.65
C SER A 630 -5.72 13.34 -15.75
N GLU A 631 -6.30 14.44 -15.27
CA GLU A 631 -5.63 15.74 -15.36
C GLU A 631 -5.36 16.40 -14.01
N ILE A 632 -5.62 15.69 -12.92
CA ILE A 632 -5.38 16.24 -11.58
C ILE A 632 -4.17 15.61 -10.92
N ASP A 633 -4.24 14.31 -10.64
CA ASP A 633 -3.15 13.61 -9.99
C ASP A 633 -3.06 12.14 -10.38
N LEU A 634 -3.39 11.82 -11.63
CA LEU A 634 -3.33 10.44 -12.08
C LEU A 634 -1.92 9.87 -12.01
N LEU A 635 -0.93 10.69 -12.32
CA LEU A 635 0.46 10.25 -12.26
C LEU A 635 0.80 9.89 -10.82
N ASN A 636 0.32 10.72 -9.89
CA ASN A 636 0.55 10.49 -8.47
C ASN A 636 -0.05 9.14 -8.10
N ILE A 637 -1.26 8.89 -8.57
CA ILE A 637 -1.96 7.64 -8.31
C ILE A 637 -1.18 6.48 -8.89
N ARG A 638 -0.57 6.70 -10.05
CA ARG A 638 0.19 5.66 -10.72
C ARG A 638 1.36 5.15 -9.86
N ARG A 639 1.97 6.04 -9.10
CA ARG A 639 3.10 5.67 -8.25
C ARG A 639 2.63 4.96 -7.00
N GLU A 640 1.60 5.50 -6.35
CA GLU A 640 1.06 4.89 -5.14
C GLU A 640 0.59 3.48 -5.45
N PHE A 641 0.22 3.27 -6.70
CA PHE A 641 -0.26 1.96 -7.17
C PHE A 641 0.87 0.95 -7.30
N ILE A 642 1.94 1.34 -7.98
CA ILE A 642 3.08 0.46 -8.18
C ILE A 642 3.85 0.18 -6.89
N GLU A 643 3.96 1.19 -6.04
CA GLU A 643 4.68 1.03 -4.78
C GLU A 643 3.99 0.09 -3.82
N LYS A 644 2.66 0.16 -3.77
CA LYS A 644 1.87 -0.69 -2.87
C LYS A 644 1.50 -2.06 -3.44
N TYR A 645 1.45 -2.17 -4.77
CA TYR A 645 1.08 -3.43 -5.38
C TYR A 645 2.14 -4.05 -6.29
N ASP A 646 3.32 -3.46 -6.29
CA ASP A 646 4.45 -3.97 -7.09
C ASP A 646 4.08 -4.29 -8.54
N LYS A 647 3.32 -3.40 -9.17
CA LYS A 647 2.92 -3.59 -10.56
C LYS A 647 2.30 -2.31 -11.11
N SER A 648 2.76 -1.90 -12.28
CA SER A 648 2.27 -0.68 -12.92
C SER A 648 0.79 -0.77 -13.27
N LEU A 649 0.12 0.37 -13.24
CA LEU A 649 -1.30 0.44 -13.59
C LEU A 649 -1.43 -0.04 -15.02
N HIS A 650 -0.38 0.21 -15.81
CA HIS A 650 -0.34 -0.19 -17.21
C HIS A 650 -0.60 -1.69 -17.31
N GLN A 651 0.26 -2.48 -16.66
CA GLN A 651 0.11 -3.93 -16.67
C GLN A 651 -1.18 -4.34 -15.98
N ALA A 652 -1.57 -3.58 -14.96
CA ALA A 652 -2.79 -3.86 -14.23
C ALA A 652 -3.98 -3.82 -15.17
N ILE A 653 -4.06 -2.75 -15.97
CA ILE A 653 -5.14 -2.59 -16.92
C ILE A 653 -4.93 -3.54 -18.11
N GLU A 654 -3.69 -3.60 -18.58
CA GLU A 654 -3.32 -4.45 -19.71
C GLU A 654 -3.81 -5.88 -19.52
N GLY A 655 -3.87 -6.33 -18.27
CA GLY A 655 -4.30 -7.68 -17.99
C GLY A 655 -5.78 -7.88 -17.84
N ASP A 656 -6.47 -6.84 -17.40
CA ASP A 656 -7.90 -6.92 -17.19
C ASP A 656 -8.73 -6.53 -18.42
N THR A 657 -8.53 -5.32 -18.91
CA THR A 657 -9.26 -4.85 -20.08
C THR A 657 -8.60 -5.34 -21.37
N SER A 658 -9.29 -5.18 -22.48
CA SER A 658 -8.77 -5.60 -23.79
C SER A 658 -9.53 -4.93 -24.92
N GLY A 659 -9.03 -5.10 -26.15
CA GLY A 659 -9.68 -4.50 -27.30
C GLY A 659 -9.47 -3.01 -27.40
N HIS A 660 -10.54 -2.28 -27.68
CA HIS A 660 -10.48 -0.83 -27.80
C HIS A 660 -10.58 -0.14 -26.44
N PHE A 661 -11.25 -0.78 -25.50
CA PHE A 661 -11.41 -0.23 -24.16
C PHE A 661 -10.03 -0.18 -23.50
N LEU A 662 -9.19 -1.15 -23.82
CA LEU A 662 -7.84 -1.23 -23.28
C LEU A 662 -6.95 -0.18 -23.93
N LYS A 663 -7.12 -0.02 -25.25
CA LYS A 663 -6.34 0.95 -26.01
C LYS A 663 -6.57 2.37 -25.50
N ALA A 664 -7.84 2.74 -25.36
CA ALA A 664 -8.21 4.06 -24.88
C ALA A 664 -7.73 4.31 -23.46
N LEU A 665 -7.95 3.32 -22.59
CA LEU A 665 -7.54 3.42 -21.20
C LEU A 665 -6.03 3.63 -21.08
N LEU A 666 -5.27 2.79 -21.77
CA LEU A 666 -3.81 2.88 -21.73
C LEU A 666 -3.34 4.22 -22.29
N ALA A 667 -4.21 4.89 -23.04
CA ALA A 667 -3.87 6.18 -23.62
C ALA A 667 -3.93 7.24 -22.53
N ILE A 668 -4.92 7.13 -21.65
CA ILE A 668 -5.08 8.06 -20.55
C ILE A 668 -3.97 7.85 -19.53
N CYS A 669 -3.67 6.58 -19.27
CA CYS A 669 -2.61 6.20 -18.32
C CYS A 669 -1.33 6.98 -18.61
N GLY A 670 -1.00 7.12 -19.88
CA GLY A 670 0.20 7.85 -20.27
C GLY A 670 1.49 7.15 -19.88
N GLY A 671 1.57 5.86 -20.15
CA GLY A 671 2.78 5.11 -19.82
C GLY A 671 2.67 4.36 -18.50
CA CA B . -20.20 4.43 -38.89
CA CA C . 9.06 -34.79 2.56
CA CA D . -2.70 -14.08 -2.79
CA CA E . 18.14 12.68 -6.68
CA CA F . -10.38 -8.73 -13.14
CA CA G . -31.58 4.72 -7.70
#